data_5NWU
#
_entry.id   5NWU
#
_entity_poly.entity_id   1
_entity_poly.type   'polypeptide(L)'
_entity_poly.pdbx_seq_one_letter_code
;GIGALFLGFLGAAGSKK(ACA)KNEQELLELDKWASLWN
;
_entity_poly.pdbx_strand_id   A
#
# COMPACT_ATOMS: atom_id res chain seq x y z
N GLY A 1 16.63 7.93 -4.28
CA GLY A 1 17.08 8.85 -3.25
C GLY A 1 17.06 8.18 -1.87
N ILE A 2 17.46 8.95 -0.87
CA ILE A 2 17.49 8.45 0.49
C ILE A 2 16.09 8.58 1.11
N GLY A 3 15.44 9.68 0.78
CA GLY A 3 14.11 9.93 1.29
C GLY A 3 13.09 8.96 0.69
N ALA A 4 13.53 8.26 -0.35
CA ALA A 4 12.67 7.30 -1.02
C ALA A 4 12.63 6.01 -0.21
N LEU A 5 13.68 5.80 0.57
CA LEU A 5 13.76 4.62 1.41
C LEU A 5 12.72 4.70 2.52
N PHE A 6 12.49 5.91 2.99
CA PHE A 6 11.52 6.15 4.04
C PHE A 6 10.11 5.79 3.58
N LEU A 7 9.76 6.29 2.40
CA LEU A 7 8.44 6.03 1.84
C LEU A 7 8.27 4.53 1.62
N GLY A 8 9.40 3.87 1.36
CA GLY A 8 9.38 2.43 1.14
C GLY A 8 8.94 1.68 2.39
N PHE A 9 9.26 2.27 3.53
CA PHE A 9 8.90 1.67 4.81
C PHE A 9 7.39 1.75 5.05
N LEU A 10 6.87 2.96 4.92
CA LEU A 10 5.45 3.18 5.11
C LEU A 10 4.66 2.45 4.02
N GLY A 11 5.29 2.34 2.86
CA GLY A 11 4.67 1.67 1.74
C GLY A 11 4.68 0.15 1.93
N ALA A 12 5.80 -0.34 2.43
CA ALA A 12 5.96 -1.77 2.67
C ALA A 12 4.99 -2.20 3.78
N ALA A 13 5.00 -1.43 4.85
CA ALA A 13 4.13 -1.73 5.99
C ALA A 13 2.68 -1.83 5.50
N GLY A 14 2.42 -1.19 4.37
CA GLY A 14 1.09 -1.20 3.80
C GLY A 14 0.75 -2.57 3.24
N SER A 15 1.60 -3.04 2.32
CA SER A 15 1.39 -4.33 1.70
C SER A 15 1.46 -5.44 2.77
N LYS A 16 2.00 -5.08 3.92
CA LYS A 16 2.14 -6.02 5.01
C LYS A 16 0.83 -6.07 5.80
N LYS A 17 0.58 -4.98 6.52
CA LYS A 17 -0.63 -4.89 7.33
C LYS A 17 -1.75 -4.28 6.47
N LYS A 19 -9.07 -4.82 5.00
CA LYS A 19 -10.37 -5.04 5.62
C LYS A 19 -11.29 -3.86 5.29
N ASN A 20 -11.31 -2.90 6.19
CA ASN A 20 -12.15 -1.71 6.01
C ASN A 20 -11.47 -0.77 5.02
N GLU A 21 -10.24 -0.40 5.35
CA GLU A 21 -9.48 0.51 4.50
C GLU A 21 -9.38 -0.05 3.08
N GLN A 22 -9.45 -1.37 3.00
CA GLN A 22 -9.37 -2.04 1.71
C GLN A 22 -10.63 -1.77 0.89
N GLU A 23 -11.78 -1.88 1.56
CA GLU A 23 -13.05 -1.65 0.91
C GLU A 23 -13.15 -0.19 0.46
N LEU A 24 -12.56 0.69 1.26
CA LEU A 24 -12.59 2.11 0.95
C LEU A 24 -11.61 2.40 -0.18
N LEU A 25 -10.46 1.74 -0.12
CA LEU A 25 -9.44 1.91 -1.14
C LEU A 25 -9.92 1.29 -2.45
N GLU A 26 -10.79 0.30 -2.32
CA GLU A 26 -11.33 -0.38 -3.48
C GLU A 26 -12.04 0.62 -4.40
N LEU A 27 -12.79 1.52 -3.77
CA LEU A 27 -13.51 2.53 -4.51
C LEU A 27 -12.53 3.38 -5.33
N ASP A 28 -11.35 3.56 -4.75
CA ASP A 28 -10.32 4.34 -5.41
C ASP A 28 -10.04 3.75 -6.79
N LYS A 29 -10.03 2.43 -6.84
CA LYS A 29 -9.76 1.73 -8.09
C LYS A 29 -11.00 1.83 -8.99
N TRP A 30 -12.16 1.93 -8.35
CA TRP A 30 -13.42 2.03 -9.07
C TRP A 30 -13.46 3.41 -9.74
N ALA A 31 -12.82 4.37 -9.08
CA ALA A 31 -12.78 5.73 -9.60
C ALA A 31 -12.27 5.71 -11.04
N SER A 32 -11.41 4.74 -11.31
CA SER A 32 -10.83 4.60 -12.64
C SER A 32 -11.94 4.56 -13.69
N LEU A 33 -13.07 3.99 -13.29
CA LEU A 33 -14.22 3.88 -14.18
C LEU A 33 -14.55 5.26 -14.74
N TRP A 34 -14.59 6.24 -13.84
CA TRP A 34 -14.91 7.60 -14.23
C TRP A 34 -13.99 7.99 -15.40
N ASN A 35 -12.69 7.81 -15.18
CA ASN A 35 -11.71 8.12 -16.19
C ASN A 35 -11.93 9.57 -16.67
N GLY A 1 15.31 10.15 -4.15
CA GLY A 1 15.15 11.08 -3.04
C GLY A 1 15.74 10.50 -1.75
N ILE A 2 16.10 11.41 -0.85
CA ILE A 2 16.67 11.01 0.42
C ILE A 2 15.57 10.47 1.34
N GLY A 3 14.32 10.71 0.91
CA GLY A 3 13.18 10.25 1.68
C GLY A 3 12.53 9.04 1.02
N ALA A 4 12.94 8.77 -0.21
CA ALA A 4 12.41 7.65 -0.95
C ALA A 4 12.72 6.36 -0.20
N LEU A 5 13.67 6.46 0.72
CA LEU A 5 14.06 5.31 1.51
C LEU A 5 12.95 4.98 2.52
N PHE A 6 12.32 6.02 3.02
CA PHE A 6 11.24 5.86 3.98
C PHE A 6 9.91 5.55 3.27
N LEU A 7 9.76 6.15 2.09
CA LEU A 7 8.56 5.96 1.31
C LEU A 7 8.37 4.47 1.03
N GLY A 8 9.49 3.76 0.96
CA GLY A 8 9.46 2.33 0.71
C GLY A 8 9.27 1.55 2.01
N PHE A 9 9.62 2.19 3.11
CA PHE A 9 9.50 1.57 4.42
C PHE A 9 8.05 1.58 4.89
N LEU A 10 7.47 2.77 4.90
CA LEU A 10 6.09 2.92 5.33
C LEU A 10 5.18 2.13 4.40
N GLY A 11 5.68 1.89 3.20
CA GLY A 11 4.92 1.14 2.21
C GLY A 11 4.77 -0.32 2.62
N ALA A 12 5.80 -0.83 3.29
CA ALA A 12 5.78 -2.20 3.75
C ALA A 12 4.54 -2.44 4.60
N ALA A 13 4.25 -1.47 5.46
CA ALA A 13 3.10 -1.57 6.34
C ALA A 13 1.82 -1.58 5.49
N GLY A 14 1.94 -1.02 4.29
CA GLY A 14 0.81 -0.96 3.38
C GLY A 14 0.60 -2.30 2.66
N SER A 15 1.65 -2.75 2.00
CA SER A 15 1.60 -4.00 1.28
C SER A 15 1.39 -5.16 2.25
N LYS A 16 1.60 -4.86 3.52
CA LYS A 16 1.43 -5.87 4.57
C LYS A 16 -0.05 -6.25 4.67
N LYS A 17 -0.86 -5.24 4.92
CA LYS A 17 -2.29 -5.45 5.05
C LYS A 17 -2.82 -6.16 3.79
N LYS A 19 -3.01 -4.60 -5.34
CA LYS A 19 -3.36 -4.13 -6.68
C LYS A 19 -3.03 -5.23 -7.70
N ASN A 20 -1.74 -5.37 -7.98
CA ASN A 20 -1.29 -6.37 -8.93
C ASN A 20 -1.91 -7.71 -8.57
N GLU A 21 -2.80 -8.17 -9.45
CA GLU A 21 -3.48 -9.44 -9.25
C GLU A 21 -2.45 -10.57 -9.09
N GLN A 22 -1.30 -10.36 -9.71
CA GLN A 22 -0.23 -11.35 -9.65
C GLN A 22 0.05 -11.73 -8.19
N GLU A 23 0.15 -10.71 -7.35
CA GLU A 23 0.41 -10.92 -5.94
C GLU A 23 -0.60 -11.90 -5.35
N LEU A 24 -1.81 -11.85 -5.89
CA LEU A 24 -2.87 -12.73 -5.44
C LEU A 24 -2.58 -14.17 -5.88
N LEU A 25 -2.05 -14.28 -7.09
CA LEU A 25 -1.71 -15.58 -7.64
C LEU A 25 -0.56 -16.18 -6.84
N GLU A 26 0.27 -15.31 -6.30
CA GLU A 26 1.41 -15.74 -5.51
C GLU A 26 0.94 -16.60 -4.33
N LEU A 27 -0.20 -16.23 -3.78
CA LEU A 27 -0.77 -16.95 -2.66
C LEU A 27 -1.20 -18.35 -3.12
N ASP A 28 -1.61 -18.42 -4.38
CA ASP A 28 -2.05 -19.68 -4.95
C ASP A 28 -0.93 -20.71 -4.84
N LYS A 29 0.25 -20.29 -5.27
CA LYS A 29 1.41 -21.16 -5.22
C LYS A 29 1.74 -21.50 -3.78
N TRP A 30 1.56 -20.51 -2.91
CA TRP A 30 1.84 -20.69 -1.50
C TRP A 30 0.85 -21.73 -0.96
N ALA A 31 -0.25 -21.88 -1.67
CA ALA A 31 -1.28 -22.84 -1.28
C ALA A 31 -0.66 -24.24 -1.25
N SER A 32 0.33 -24.44 -2.09
CA SER A 32 1.01 -25.72 -2.18
C SER A 32 1.47 -26.16 -0.79
N LEU A 33 1.84 -25.17 0.01
CA LEU A 33 2.30 -25.45 1.37
C LEU A 33 1.27 -26.31 2.09
N TRP A 34 0.01 -25.94 1.90
CA TRP A 34 -1.08 -26.68 2.53
C TRP A 34 -1.01 -28.13 2.07
N ASN A 35 -0.67 -28.29 0.79
CA ASN A 35 -0.57 -29.62 0.20
C ASN A 35 -0.68 -29.51 -1.32
N GLY A 1 15.76 7.25 -5.71
CA GLY A 1 15.36 8.42 -4.94
C GLY A 1 16.00 8.40 -3.55
N ILE A 2 15.82 9.50 -2.83
CA ILE A 2 16.38 9.62 -1.50
C ILE A 2 15.23 9.65 -0.48
N GLY A 3 14.16 10.33 -0.86
CA GLY A 3 13.00 10.43 0.00
C GLY A 3 12.15 9.17 -0.06
N ALA A 4 12.51 8.30 -0.99
CA ALA A 4 11.78 7.05 -1.16
C ALA A 4 12.18 6.07 -0.06
N LEU A 5 13.33 6.36 0.55
CA LEU A 5 13.84 5.51 1.61
C LEU A 5 12.77 5.37 2.70
N PHE A 6 11.94 6.41 2.81
CA PHE A 6 10.87 6.40 3.80
C PHE A 6 9.62 5.71 3.25
N LEU A 7 9.26 6.11 2.04
CA LEU A 7 8.08 5.55 1.39
C LEU A 7 8.18 4.02 1.41
N GLY A 8 9.40 3.54 1.22
CA GLY A 8 9.64 2.10 1.21
C GLY A 8 9.41 1.49 2.60
N PHE A 9 10.09 2.07 3.58
CA PHE A 9 9.97 1.60 4.96
C PHE A 9 8.50 1.51 5.37
N LEU A 10 7.78 2.61 5.16
CA LEU A 10 6.38 2.66 5.50
C LEU A 10 5.57 1.88 4.46
N GLY A 11 6.14 1.76 3.28
CA GLY A 11 5.50 1.04 2.19
C GLY A 11 5.24 -0.42 2.57
N ALA A 12 6.15 -0.95 3.39
CA ALA A 12 6.04 -2.33 3.84
C ALA A 12 4.67 -2.54 4.48
N ALA A 13 4.31 -1.61 5.35
CA ALA A 13 3.04 -1.69 6.05
C ALA A 13 1.90 -1.44 5.05
N GLY A 14 2.24 -0.72 4.00
CA GLY A 14 1.26 -0.40 2.97
C GLY A 14 0.71 -1.67 2.32
N SER A 15 1.63 -2.43 1.73
CA SER A 15 1.25 -3.66 1.06
C SER A 15 0.49 -4.56 2.03
N LYS A 16 0.97 -4.61 3.26
CA LYS A 16 0.35 -5.43 4.29
C LYS A 16 -1.14 -5.08 4.35
N LYS A 17 -1.42 -3.88 4.83
CA LYS A 17 -2.79 -3.41 4.95
C LYS A 17 -3.47 -3.49 3.58
N LYS A 19 -4.95 0.49 -3.80
CA LYS A 19 -3.95 0.86 -4.78
C LYS A 19 -4.37 2.16 -5.47
N ASN A 20 -3.49 2.66 -6.32
CA ASN A 20 -3.77 3.89 -7.06
C ASN A 20 -2.86 3.95 -8.29
N GLU A 21 -3.16 4.91 -9.15
CA GLU A 21 -2.39 5.09 -10.37
C GLU A 21 -0.99 5.62 -10.04
N GLN A 22 -0.97 6.62 -9.16
CA GLN A 22 0.29 7.23 -8.75
C GLN A 22 1.21 6.16 -8.14
N GLU A 23 0.62 5.33 -7.29
CA GLU A 23 1.37 4.28 -6.63
C GLU A 23 2.07 3.40 -7.66
N LEU A 24 1.41 3.25 -8.80
CA LEU A 24 1.95 2.43 -9.88
C LEU A 24 3.12 3.17 -10.53
N LEU A 25 2.95 4.48 -10.67
CA LEU A 25 3.98 5.31 -11.28
C LEU A 25 5.21 5.31 -10.37
N GLU A 26 4.97 5.12 -9.09
CA GLU A 26 6.05 5.11 -8.11
C GLU A 26 7.06 4.02 -8.46
N LEU A 27 6.53 2.86 -8.83
CA LEU A 27 7.36 1.73 -9.19
C LEU A 27 8.17 2.07 -10.44
N ASP A 28 7.53 2.82 -11.33
CA ASP A 28 8.17 3.23 -12.58
C ASP A 28 9.46 3.97 -12.25
N LYS A 29 9.40 4.79 -11.21
CA LYS A 29 10.55 5.57 -10.79
C LYS A 29 11.54 4.66 -10.08
N TRP A 30 11.00 3.71 -9.33
CA TRP A 30 11.82 2.77 -8.59
C TRP A 30 12.70 2.02 -9.60
N ALA A 31 12.27 2.06 -10.85
CA ALA A 31 13.00 1.39 -11.92
C ALA A 31 14.45 1.89 -11.92
N SER A 32 14.61 3.13 -11.48
CA SER A 32 15.94 3.73 -11.43
C SER A 32 16.90 2.83 -10.66
N LEU A 33 16.34 2.14 -9.67
CA LEU A 33 17.13 1.24 -8.85
C LEU A 33 17.88 0.26 -9.75
N TRP A 34 17.14 -0.31 -10.69
CA TRP A 34 17.72 -1.27 -11.62
C TRP A 34 18.96 -0.63 -12.25
N ASN A 35 18.76 0.56 -12.79
CA ASN A 35 19.85 1.29 -13.42
C ASN A 35 19.97 2.67 -12.78
N GLY A 1 16.37 11.10 0.21
CA GLY A 1 17.31 10.88 1.30
C GLY A 1 16.74 9.91 2.34
N ILE A 2 16.34 10.48 3.47
CA ILE A 2 15.78 9.68 4.54
C ILE A 2 14.27 9.54 4.33
N GLY A 3 13.69 10.56 3.71
CA GLY A 3 12.27 10.56 3.44
C GLY A 3 11.95 9.77 2.17
N ALA A 4 12.93 9.70 1.29
CA ALA A 4 12.78 8.98 0.04
C ALA A 4 12.71 7.48 0.32
N LEU A 5 13.68 7.01 1.10
CA LEU A 5 13.73 5.60 1.45
C LEU A 5 12.52 5.25 2.34
N PHE A 6 12.19 6.18 3.22
CA PHE A 6 11.08 5.98 4.13
C PHE A 6 9.85 5.46 3.39
N LEU A 7 9.60 6.04 2.22
CA LEU A 7 8.48 5.63 1.40
C LEU A 7 8.59 4.14 1.09
N GLY A 8 9.81 3.72 0.76
CA GLY A 8 10.06 2.33 0.44
C GLY A 8 9.61 1.41 1.58
N PHE A 9 10.12 1.69 2.76
CA PHE A 9 9.77 0.90 3.93
C PHE A 9 8.28 1.03 4.25
N LEU A 10 7.71 2.15 3.86
CA LEU A 10 6.30 2.41 4.10
C LEU A 10 5.47 1.40 3.31
N GLY A 11 5.97 1.07 2.13
CA GLY A 11 5.28 0.13 1.26
C GLY A 11 4.90 -1.14 2.03
N ALA A 12 5.73 -1.48 3.01
CA ALA A 12 5.47 -2.66 3.82
C ALA A 12 4.34 -2.37 4.79
N ALA A 13 4.38 -1.19 5.39
CA ALA A 13 3.37 -0.77 6.33
C ALA A 13 2.00 -0.76 5.64
N GLY A 14 2.04 -0.54 4.33
CA GLY A 14 0.82 -0.50 3.54
C GLY A 14 0.25 -1.91 3.35
N SER A 15 1.07 -2.77 2.76
CA SER A 15 0.66 -4.14 2.52
C SER A 15 0.16 -4.78 3.81
N LYS A 16 0.58 -4.20 4.92
CA LYS A 16 0.18 -4.69 6.23
C LYS A 16 -1.25 -4.24 6.53
N LYS A 17 -1.42 -2.92 6.59
CA LYS A 17 -2.71 -2.34 6.87
C LYS A 17 -3.75 -2.94 5.91
N LYS A 19 -4.17 -3.81 -2.66
CA LYS A 19 -4.27 -2.37 -2.65
C LYS A 19 -5.65 -1.94 -3.13
N ASN A 20 -5.71 -0.75 -3.71
CA ASN A 20 -6.97 -0.23 -4.21
C ASN A 20 -6.75 1.20 -4.72
N GLU A 21 -7.48 1.54 -5.78
CA GLU A 21 -7.38 2.87 -6.36
C GLU A 21 -7.70 3.93 -5.32
N GLN A 22 -8.71 3.64 -4.50
CA GLN A 22 -9.12 4.56 -3.47
C GLN A 22 -7.97 4.82 -2.50
N GLU A 23 -7.31 3.75 -2.10
CA GLU A 23 -6.19 3.84 -1.19
C GLU A 23 -5.10 4.72 -1.77
N LEU A 24 -5.00 4.69 -3.09
CA LEU A 24 -4.00 5.48 -3.79
C LEU A 24 -4.43 6.95 -3.80
N LEU A 25 -5.73 7.15 -3.97
CA LEU A 25 -6.28 8.49 -4.00
C LEU A 25 -6.09 9.15 -2.64
N GLU A 26 -6.07 8.31 -1.60
CA GLU A 26 -5.90 8.79 -0.25
C GLU A 26 -4.63 9.63 -0.14
N LEU A 27 -3.53 9.04 -0.59
CA LEU A 27 -2.24 9.73 -0.55
C LEU A 27 -2.35 11.06 -1.31
N ASP A 28 -3.22 11.06 -2.30
CA ASP A 28 -3.42 12.26 -3.10
C ASP A 28 -3.89 13.40 -2.21
N LYS A 29 -4.85 13.08 -1.33
CA LYS A 29 -5.38 14.06 -0.41
C LYS A 29 -4.37 14.32 0.70
N TRP A 30 -3.64 13.26 1.05
CA TRP A 30 -2.64 13.35 2.10
C TRP A 30 -1.59 14.37 1.66
N ALA A 31 -1.47 14.54 0.34
CA ALA A 31 -0.52 15.46 -0.22
C ALA A 31 -0.82 16.86 0.30
N SER A 32 -2.09 17.09 0.60
CA SER A 32 -2.52 18.38 1.11
C SER A 32 -1.68 18.79 2.32
N LEU A 33 -1.28 17.78 3.07
CA LEU A 33 -0.46 18.01 4.26
C LEU A 33 0.77 18.82 3.88
N TRP A 34 1.32 18.49 2.71
CA TRP A 34 2.50 19.18 2.22
C TRP A 34 2.13 20.65 1.98
N ASN A 35 0.94 20.84 1.41
CA ASN A 35 0.46 22.18 1.13
C ASN A 35 -1.06 22.15 1.04
N GLY A 1 17.54 13.97 0.88
CA GLY A 1 18.64 13.03 0.99
C GLY A 1 18.24 11.64 0.52
N ILE A 2 18.19 10.71 1.47
CA ILE A 2 17.83 9.34 1.16
C ILE A 2 16.47 9.03 1.79
N GLY A 3 15.63 10.05 1.85
CA GLY A 3 14.30 9.91 2.43
C GLY A 3 13.40 9.08 1.51
N ALA A 4 13.82 8.97 0.26
CA ALA A 4 13.06 8.22 -0.72
C ALA A 4 12.77 6.82 -0.17
N LEU A 5 13.79 6.25 0.46
CA LEU A 5 13.65 4.92 1.04
C LEU A 5 12.59 4.94 2.13
N PHE A 6 12.61 6.02 2.91
CA PHE A 6 11.65 6.17 4.00
C PHE A 6 10.24 5.83 3.53
N LEU A 7 9.98 6.13 2.26
CA LEU A 7 8.67 5.86 1.68
C LEU A 7 8.44 4.35 1.63
N GLY A 8 9.48 3.63 1.24
CA GLY A 8 9.40 2.19 1.14
C GLY A 8 8.97 1.57 2.47
N PHE A 9 9.30 2.27 3.55
CA PHE A 9 8.96 1.81 4.88
C PHE A 9 7.44 1.67 5.03
N LEU A 10 6.74 2.76 4.77
CA LEU A 10 5.29 2.78 4.87
C LEU A 10 4.70 1.88 3.79
N GLY A 11 5.33 1.92 2.61
CA GLY A 11 4.87 1.10 1.49
C GLY A 11 4.80 -0.37 1.89
N ALA A 12 5.89 -0.85 2.47
CA ALA A 12 5.96 -2.24 2.89
C ALA A 12 4.96 -2.48 4.03
N ALA A 13 4.86 -1.48 4.91
CA ALA A 13 3.96 -1.57 6.04
C ALA A 13 2.51 -1.61 5.53
N GLY A 14 2.31 -0.99 4.37
CA GLY A 14 0.99 -0.95 3.78
C GLY A 14 0.55 -2.35 3.33
N SER A 15 1.38 -2.95 2.49
CA SER A 15 1.08 -4.28 1.98
C SER A 15 0.71 -5.21 3.13
N LYS A 16 1.45 -5.09 4.22
CA LYS A 16 1.21 -5.90 5.39
C LYS A 16 -0.12 -5.49 6.04
N LYS A 17 -0.08 -4.35 6.70
CA LYS A 17 -1.27 -3.82 7.36
C LYS A 17 -1.80 -2.61 6.58
N LYS A 19 -6.66 1.92 4.31
CA LYS A 19 -6.57 3.37 4.23
C LYS A 19 -7.96 3.97 4.46
N ASN A 20 -8.79 3.86 3.44
CA ASN A 20 -10.14 4.40 3.50
C ASN A 20 -11.11 3.37 2.91
N GLU A 21 -12.12 3.04 3.71
CA GLU A 21 -13.13 2.08 3.28
C GLU A 21 -13.90 2.62 2.07
N GLN A 22 -14.04 3.93 2.03
CA GLN A 22 -14.75 4.58 0.94
C GLN A 22 -13.99 4.37 -0.38
N GLU A 23 -12.73 4.76 -0.37
CA GLU A 23 -11.89 4.61 -1.55
C GLU A 23 -11.91 3.16 -2.04
N LEU A 24 -12.02 2.26 -1.08
CA LEU A 24 -12.04 0.83 -1.40
C LEU A 24 -13.41 0.47 -1.98
N LEU A 25 -14.44 1.10 -1.44
CA LEU A 25 -15.79 0.86 -1.90
C LEU A 25 -15.98 1.49 -3.28
N GLU A 26 -15.19 2.53 -3.53
CA GLU A 26 -15.26 3.23 -4.80
C GLU A 26 -14.98 2.28 -5.96
N LEU A 27 -14.00 1.40 -5.72
CA LEU A 27 -13.61 0.43 -6.73
C LEU A 27 -14.80 -0.49 -7.03
N ASP A 28 -15.58 -0.73 -6.00
CA ASP A 28 -16.75 -1.59 -6.13
C ASP A 28 -17.66 -1.05 -7.23
N LYS A 29 -17.88 0.26 -7.18
CA LYS A 29 -18.72 0.91 -8.16
C LYS A 29 -17.96 1.02 -9.49
N TRP A 30 -16.65 1.17 -9.37
CA TRP A 30 -15.81 1.29 -10.54
C TRP A 30 -15.89 -0.02 -11.32
N ALA A 31 -16.20 -1.08 -10.60
CA ALA A 31 -16.31 -2.40 -11.20
C ALA A 31 -17.35 -2.34 -12.33
N SER A 32 -18.32 -1.46 -12.16
CA SER A 32 -19.37 -1.31 -13.15
C SER A 32 -18.76 -1.06 -14.53
N LEU A 33 -17.62 -0.39 -14.52
CA LEU A 33 -16.92 -0.10 -15.76
C LEU A 33 -16.72 -1.39 -16.56
N TRP A 34 -16.30 -2.42 -15.85
CA TRP A 34 -16.07 -3.72 -16.48
C TRP A 34 -17.31 -4.07 -17.31
N ASN A 35 -18.47 -3.76 -16.74
CA ASN A 35 -19.72 -4.03 -17.42
C ASN A 35 -20.09 -2.83 -18.31
N GLY A 1 16.81 14.91 -1.85
CA GLY A 1 17.57 13.73 -1.44
C GLY A 1 16.78 12.45 -1.71
N ILE A 2 17.43 11.33 -1.47
CA ILE A 2 16.80 10.03 -1.68
C ILE A 2 15.96 9.68 -0.46
N GLY A 3 14.80 10.31 -0.38
CA GLY A 3 13.89 10.07 0.73
C GLY A 3 12.84 9.01 0.37
N ALA A 4 13.13 8.29 -0.71
CA ALA A 4 12.23 7.25 -1.17
C ALA A 4 12.36 6.03 -0.26
N LEU A 5 13.50 5.95 0.40
CA LEU A 5 13.77 4.85 1.31
C LEU A 5 12.73 4.85 2.42
N PHE A 6 12.48 6.04 2.96
CA PHE A 6 11.51 6.18 4.03
C PHE A 6 10.09 5.91 3.53
N LEU A 7 9.86 6.26 2.27
CA LEU A 7 8.56 6.07 1.66
C LEU A 7 8.32 4.57 1.46
N GLY A 8 9.40 3.86 1.18
CA GLY A 8 9.32 2.43 0.96
C GLY A 8 9.11 1.68 2.28
N PHE A 9 9.71 2.23 3.33
CA PHE A 9 9.60 1.62 4.66
C PHE A 9 8.16 1.69 5.16
N LEU A 10 7.55 2.85 5.02
CA LEU A 10 6.19 3.06 5.45
C LEU A 10 5.25 2.24 4.56
N GLY A 11 5.54 2.27 3.27
CA GLY A 11 4.73 1.55 2.30
C GLY A 11 4.71 0.05 2.62
N ALA A 12 5.74 -0.40 3.31
CA ALA A 12 5.85 -1.79 3.69
C ALA A 12 4.59 -2.21 4.44
N ALA A 13 4.17 -1.35 5.36
CA ALA A 13 2.99 -1.61 6.16
C ALA A 13 1.78 -1.79 5.22
N GLY A 14 1.89 -1.17 4.05
CA GLY A 14 0.82 -1.25 3.07
C GLY A 14 0.75 -2.64 2.45
N SER A 15 1.85 -3.04 1.84
CA SER A 15 1.92 -4.34 1.20
C SER A 15 1.53 -5.44 2.20
N LYS A 16 1.72 -5.13 3.47
CA LYS A 16 1.39 -6.08 4.53
C LYS A 16 -0.12 -6.31 4.54
N LYS A 17 -0.85 -5.22 4.72
CA LYS A 17 -2.31 -5.30 4.75
C LYS A 17 -2.85 -5.28 3.32
N LYS A 19 -5.74 -3.42 -3.36
CA LYS A 19 -5.92 -2.65 -4.59
C LYS A 19 -5.30 -3.41 -5.76
N ASN A 20 -4.74 -2.65 -6.69
CA ASN A 20 -4.11 -3.23 -7.86
C ASN A 20 -2.70 -2.65 -8.01
N GLU A 21 -1.84 -3.44 -8.67
CA GLU A 21 -0.48 -3.02 -8.89
C GLU A 21 -0.43 -1.69 -9.64
N GLN A 22 -1.20 -1.63 -10.72
CA GLN A 22 -1.27 -0.42 -11.53
C GLN A 22 -1.59 0.79 -10.64
N GLU A 23 -2.61 0.62 -9.82
CA GLU A 23 -3.02 1.69 -8.93
C GLU A 23 -1.86 2.12 -8.03
N LEU A 24 -1.03 1.15 -7.70
CA LEU A 24 0.12 1.39 -6.84
C LEU A 24 1.18 2.15 -7.64
N LEU A 25 1.36 1.72 -8.89
CA LEU A 25 2.34 2.34 -9.76
C LEU A 25 1.91 3.78 -10.05
N GLU A 26 0.60 4.00 -10.04
CA GLU A 26 0.06 5.32 -10.31
C GLU A 26 0.61 6.33 -9.29
N LEU A 27 0.66 5.91 -8.04
CA LEU A 27 1.16 6.77 -6.99
C LEU A 27 2.62 7.12 -7.27
N ASP A 28 3.31 6.17 -7.89
CA ASP A 28 4.71 6.37 -8.22
C ASP A 28 4.85 7.61 -9.10
N LYS A 29 4.14 7.60 -10.22
CA LYS A 29 4.17 8.72 -11.15
C LYS A 29 3.61 9.96 -10.46
N TRP A 30 2.64 9.74 -9.59
CA TRP A 30 2.02 10.84 -8.85
C TRP A 30 3.11 11.54 -8.06
N ALA A 31 4.10 10.77 -7.64
CA ALA A 31 5.20 11.31 -6.87
C ALA A 31 5.84 12.47 -7.64
N SER A 32 5.72 12.40 -8.95
CA SER A 32 6.27 13.44 -9.81
C SER A 32 5.69 14.79 -9.43
N LEU A 33 4.44 14.75 -8.99
CA LEU A 33 3.74 15.98 -8.60
C LEU A 33 4.59 16.73 -7.58
N TRP A 34 5.50 15.99 -6.94
CA TRP A 34 6.37 16.57 -5.94
C TRP A 34 7.69 16.94 -6.62
N ASN A 35 7.59 17.24 -7.91
CA ASN A 35 8.76 17.61 -8.69
C ASN A 35 9.84 16.54 -8.51
N GLY A 1 17.54 15.92 0.61
CA GLY A 1 16.12 15.63 0.81
C GLY A 1 15.70 14.37 0.06
N ILE A 2 15.86 13.24 0.73
CA ILE A 2 15.51 11.96 0.13
C ILE A 2 14.60 11.19 1.08
N GLY A 3 13.31 11.55 1.04
CA GLY A 3 12.33 10.91 1.89
C GLY A 3 11.87 9.57 1.29
N ALA A 4 12.35 9.31 0.08
CA ALA A 4 12.00 8.07 -0.61
C ALA A 4 12.51 6.88 0.20
N LEU A 5 13.54 7.15 0.99
CA LEU A 5 14.14 6.10 1.81
C LEU A 5 13.11 5.62 2.83
N PHE A 6 12.23 6.53 3.23
CA PHE A 6 11.19 6.21 4.19
C PHE A 6 9.96 5.62 3.50
N LEU A 7 9.75 6.06 2.27
CA LEU A 7 8.61 5.59 1.50
C LEU A 7 8.71 4.07 1.33
N GLY A 8 9.91 3.62 1.00
CA GLY A 8 10.16 2.20 0.81
C GLY A 8 9.67 1.40 2.02
N PHE A 9 9.97 1.92 3.20
CA PHE A 9 9.57 1.27 4.43
C PHE A 9 8.05 1.18 4.54
N LEU A 10 7.41 2.34 4.42
CA LEU A 10 5.95 2.40 4.50
C LEU A 10 5.35 1.50 3.43
N GLY A 11 6.13 1.25 2.39
CA GLY A 11 5.69 0.41 1.30
C GLY A 11 5.20 -0.95 1.81
N ALA A 12 5.99 -1.53 2.71
CA ALA A 12 5.65 -2.81 3.27
C ALA A 12 4.46 -2.65 4.21
N ALA A 13 4.56 -1.66 5.09
CA ALA A 13 3.50 -1.39 6.04
C ALA A 13 2.19 -1.15 5.28
N GLY A 14 2.34 -0.68 4.05
CA GLY A 14 1.17 -0.40 3.22
C GLY A 14 0.21 -1.59 3.20
N SER A 15 0.73 -2.72 2.73
CA SER A 15 -0.07 -3.93 2.66
C SER A 15 -0.17 -4.57 4.05
N LYS A 16 0.97 -4.89 4.60
CA LYS A 16 1.04 -5.51 5.91
C LYS A 16 0.10 -4.75 6.87
N LYS A 17 0.42 -3.48 7.06
CA LYS A 17 -0.38 -2.64 7.94
C LYS A 17 -1.28 -1.75 7.10
N LYS A 19 -7.53 -2.12 0.92
CA LYS A 19 -7.40 -1.70 -0.47
C LYS A 19 -8.65 -0.93 -0.89
N ASN A 20 -8.83 -0.83 -2.20
CA ASN A 20 -9.99 -0.13 -2.73
C ASN A 20 -9.84 0.00 -4.25
N GLU A 21 -10.96 0.32 -4.89
CA GLU A 21 -10.96 0.46 -6.34
C GLU A 21 -10.15 1.71 -6.76
N GLN A 22 -10.38 2.78 -6.03
CA GLN A 22 -9.68 4.03 -6.31
C GLN A 22 -8.16 3.82 -6.23
N GLU A 23 -7.76 3.00 -5.28
CA GLU A 23 -6.35 2.71 -5.09
C GLU A 23 -5.76 2.09 -6.36
N LEU A 24 -6.61 1.34 -7.06
CA LEU A 24 -6.19 0.69 -8.29
C LEU A 24 -6.05 1.74 -9.40
N LEU A 25 -7.02 2.64 -9.43
CA LEU A 25 -7.01 3.70 -10.44
C LEU A 25 -5.80 4.60 -10.22
N GLU A 26 -5.38 4.68 -8.96
CA GLU A 26 -4.23 5.50 -8.60
C GLU A 26 -2.99 5.04 -9.37
N LEU A 27 -2.87 3.71 -9.48
CA LEU A 27 -1.74 3.13 -10.18
C LEU A 27 -1.79 3.52 -11.66
N ASP A 28 -3.01 3.67 -12.16
CA ASP A 28 -3.22 4.05 -13.54
C ASP A 28 -2.48 5.35 -13.82
N LYS A 29 -2.64 6.31 -12.91
CA LYS A 29 -2.01 7.60 -13.06
C LYS A 29 -0.51 7.46 -12.75
N TRP A 30 -0.21 6.52 -11.86
CA TRP A 30 1.18 6.27 -11.47
C TRP A 30 1.96 5.91 -12.73
N ALA A 31 1.26 5.30 -13.67
CA ALA A 31 1.88 4.90 -14.92
C ALA A 31 2.54 6.11 -15.58
N SER A 32 1.98 7.28 -15.29
CA SER A 32 2.51 8.52 -15.84
C SER A 32 3.98 8.68 -15.45
N LEU A 33 4.31 8.16 -14.29
CA LEU A 33 5.68 8.24 -13.79
C LEU A 33 6.63 7.68 -14.86
N TRP A 34 6.06 6.87 -15.74
CA TRP A 34 6.84 6.26 -16.80
C TRP A 34 6.70 7.14 -18.05
N ASN A 35 6.49 8.43 -17.81
CA ASN A 35 6.35 9.37 -18.91
C ASN A 35 7.51 9.20 -19.88
N GLY A 1 19.81 11.62 3.58
CA GLY A 1 18.47 11.60 4.14
C GLY A 1 17.42 11.77 3.05
N ILE A 2 17.24 10.71 2.28
CA ILE A 2 16.27 10.71 1.19
C ILE A 2 14.92 10.24 1.73
N GLY A 3 13.87 10.85 1.19
CA GLY A 3 12.51 10.50 1.60
C GLY A 3 12.01 9.27 0.84
N ALA A 4 12.80 8.87 -0.14
CA ALA A 4 12.44 7.71 -0.95
C ALA A 4 12.36 6.47 -0.06
N LEU A 5 13.41 6.29 0.73
CA LEU A 5 13.48 5.15 1.63
C LEU A 5 12.20 5.09 2.47
N PHE A 6 11.91 6.21 3.12
CA PHE A 6 10.72 6.30 3.95
C PHE A 6 9.50 5.73 3.24
N LEU A 7 9.41 6.04 1.95
CA LEU A 7 8.29 5.57 1.14
C LEU A 7 8.31 4.04 1.10
N GLY A 8 9.53 3.49 1.09
CA GLY A 8 9.69 2.06 1.05
C GLY A 8 9.35 1.42 2.40
N PHE A 9 10.08 1.84 3.42
CA PHE A 9 9.86 1.34 4.77
C PHE A 9 8.38 1.39 5.13
N LEU A 10 7.79 2.55 4.92
CA LEU A 10 6.38 2.75 5.22
C LEU A 10 5.53 1.97 4.21
N GLY A 11 6.07 1.85 3.01
CA GLY A 11 5.37 1.14 1.94
C GLY A 11 5.13 -0.32 2.33
N ALA A 12 6.05 -0.85 3.12
CA ALA A 12 5.95 -2.22 3.57
C ALA A 12 4.67 -2.39 4.39
N ALA A 13 4.48 -1.47 5.32
CA ALA A 13 3.30 -1.51 6.18
C ALA A 13 2.04 -1.38 5.31
N GLY A 14 2.23 -0.76 4.16
CA GLY A 14 1.12 -0.55 3.25
C GLY A 14 0.62 -1.89 2.68
N SER A 15 1.54 -2.60 2.06
CA SER A 15 1.21 -3.90 1.48
C SER A 15 0.47 -4.76 2.49
N LYS A 16 0.67 -4.43 3.77
CA LYS A 16 0.03 -5.16 4.84
C LYS A 16 -1.38 -4.61 5.06
N LYS A 17 -1.43 -3.39 5.56
CA LYS A 17 -2.71 -2.74 5.82
C LYS A 17 -3.10 -1.90 4.60
N LYS A 19 -6.79 -4.99 -2.42
CA LYS A 19 -7.67 -6.14 -2.53
C LYS A 19 -7.68 -6.63 -3.98
N ASN A 20 -8.35 -5.85 -4.83
CA ASN A 20 -8.45 -6.21 -6.24
C ASN A 20 -8.46 -4.92 -7.07
N GLU A 21 -9.53 -4.16 -6.91
CA GLU A 21 -9.69 -2.91 -7.64
C GLU A 21 -8.64 -1.90 -7.17
N GLN A 22 -8.24 -2.04 -5.93
CA GLN A 22 -7.25 -1.15 -5.35
C GLN A 22 -5.90 -1.33 -6.05
N GLU A 23 -5.49 -2.59 -6.17
CA GLU A 23 -4.24 -2.91 -6.81
C GLU A 23 -4.19 -2.32 -8.22
N LEU A 24 -5.35 -2.28 -8.85
CA LEU A 24 -5.47 -1.73 -10.19
C LEU A 24 -5.34 -0.21 -10.13
N LEU A 25 -5.93 0.37 -9.09
CA LEU A 25 -5.89 1.80 -8.91
C LEU A 25 -4.44 2.25 -8.67
N GLU A 26 -3.70 1.37 -7.99
CA GLU A 26 -2.31 1.67 -7.69
C GLU A 26 -1.54 2.00 -8.96
N LEU A 27 -1.75 1.18 -9.98
CA LEU A 27 -1.09 1.38 -11.26
C LEU A 27 -1.57 2.70 -11.87
N ASP A 28 -2.82 3.02 -11.60
CA ASP A 28 -3.42 4.23 -12.12
C ASP A 28 -2.60 5.44 -11.65
N LYS A 29 -2.19 5.39 -10.39
CA LYS A 29 -1.40 6.45 -9.80
C LYS A 29 0.02 6.39 -10.36
N TRP A 30 0.49 5.16 -10.53
CA TRP A 30 1.84 4.95 -11.05
C TRP A 30 1.87 5.48 -12.49
N ALA A 31 0.72 5.47 -13.12
CA ALA A 31 0.61 5.94 -14.49
C ALA A 31 1.16 7.37 -14.58
N SER A 32 1.04 8.08 -13.47
CA SER A 32 1.51 9.46 -13.41
C SER A 32 2.97 9.52 -13.85
N LEU A 33 3.71 8.46 -13.54
CA LEU A 33 5.11 8.38 -13.90
C LEU A 33 5.26 8.62 -15.40
N TRP A 34 4.46 7.90 -16.17
CA TRP A 34 4.49 8.04 -17.62
C TRP A 34 4.42 9.52 -17.96
N ASN A 35 3.34 10.15 -17.53
CA ASN A 35 3.14 11.56 -17.78
C ASN A 35 4.39 12.33 -17.34
N GLY A 1 16.33 7.28 -4.48
CA GLY A 1 17.00 8.48 -3.99
C GLY A 1 17.54 8.26 -2.58
N ILE A 2 17.21 9.20 -1.70
CA ILE A 2 17.65 9.12 -0.32
C ILE A 2 16.44 9.17 0.61
N GLY A 3 15.67 10.24 0.46
CA GLY A 3 14.47 10.42 1.27
C GLY A 3 13.28 9.65 0.69
N ALA A 4 13.56 8.96 -0.41
CA ALA A 4 12.53 8.17 -1.07
C ALA A 4 12.46 6.78 -0.43
N LEU A 5 13.62 6.31 0.02
CA LEU A 5 13.70 5.02 0.65
C LEU A 5 12.91 5.03 1.96
N PHE A 6 12.91 6.20 2.60
CA PHE A 6 12.19 6.36 3.85
C PHE A 6 10.71 5.97 3.70
N LEU A 7 10.16 6.32 2.55
CA LEU A 7 8.77 6.02 2.27
C LEU A 7 8.61 4.51 2.05
N GLY A 8 9.67 3.92 1.51
CA GLY A 8 9.67 2.48 1.25
C GLY A 8 9.35 1.69 2.52
N PHE A 9 9.64 2.31 3.66
CA PHE A 9 9.38 1.68 4.95
C PHE A 9 7.88 1.63 5.24
N LEU A 10 7.22 2.72 4.93
CA LEU A 10 5.78 2.80 5.15
C LEU A 10 5.05 2.01 4.06
N GLY A 11 5.67 1.93 2.90
CA GLY A 11 5.10 1.20 1.79
C GLY A 11 4.92 -0.27 2.13
N ALA A 12 5.69 -0.72 3.11
CA ALA A 12 5.63 -2.11 3.55
C ALA A 12 4.36 -2.32 4.37
N ALA A 13 4.02 -1.31 5.15
CA ALA A 13 2.84 -1.37 5.99
C ALA A 13 1.61 -1.62 5.11
N GLY A 14 1.72 -1.20 3.86
CA GLY A 14 0.62 -1.38 2.92
C GLY A 14 0.35 -2.86 2.66
N SER A 15 1.37 -3.54 2.15
CA SER A 15 1.25 -4.95 1.85
C SER A 15 0.79 -5.70 3.10
N LYS A 16 1.35 -5.33 4.23
CA LYS A 16 1.00 -5.96 5.49
C LYS A 16 -0.52 -6.06 5.60
N LYS A 17 -1.14 -4.90 5.79
CA LYS A 17 -2.59 -4.83 5.90
C LYS A 17 -3.23 -5.42 4.65
N LYS A 19 -6.22 0.99 1.19
CA LYS A 19 -6.14 2.36 1.68
C LYS A 19 -7.02 2.51 2.91
N ASN A 20 -8.21 3.05 2.70
CA ASN A 20 -9.15 3.24 3.79
C ASN A 20 -10.53 2.70 3.38
N GLU A 21 -10.85 1.54 3.91
CA GLU A 21 -12.13 0.90 3.62
C GLU A 21 -13.27 1.80 4.05
N GLN A 22 -13.09 2.44 5.20
CA GLN A 22 -14.10 3.33 5.74
C GLN A 22 -14.39 4.46 4.77
N GLU A 23 -13.32 5.03 4.24
CA GLU A 23 -13.45 6.13 3.29
C GLU A 23 -14.13 5.64 2.01
N LEU A 24 -13.86 4.39 1.67
CA LEU A 24 -14.42 3.79 0.48
C LEU A 24 -15.92 3.57 0.69
N LEU A 25 -16.26 3.19 1.91
CA LEU A 25 -17.65 2.92 2.26
C LEU A 25 -18.44 4.24 2.17
N GLU A 26 -17.73 5.33 2.42
CA GLU A 26 -18.36 6.65 2.37
C GLU A 26 -19.03 6.86 1.01
N LEU A 27 -18.33 6.48 -0.04
CA LEU A 27 -18.84 6.63 -1.39
C LEU A 27 -20.06 5.73 -1.55
N ASP A 28 -20.03 4.59 -0.87
CA ASP A 28 -21.11 3.63 -0.94
C ASP A 28 -22.42 4.32 -0.52
N LYS A 29 -22.36 4.97 0.63
CA LYS A 29 -23.53 5.67 1.14
C LYS A 29 -23.77 6.93 0.31
N TRP A 30 -22.68 7.51 -0.16
CA TRP A 30 -22.76 8.72 -0.96
C TRP A 30 -23.61 8.40 -2.19
N ALA A 31 -23.58 7.14 -2.59
CA ALA A 31 -24.35 6.70 -3.75
C ALA A 31 -25.82 7.09 -3.56
N SER A 32 -26.23 7.16 -2.29
CA SER A 32 -27.59 7.51 -1.97
C SER A 32 -27.96 8.83 -2.64
N LEU A 33 -26.97 9.70 -2.77
CA LEU A 33 -27.18 11.00 -3.39
C LEU A 33 -27.67 10.80 -4.82
N TRP A 34 -26.97 9.92 -5.53
CA TRP A 34 -27.32 9.63 -6.91
C TRP A 34 -28.83 9.36 -6.98
N ASN A 35 -29.26 8.43 -6.14
CA ASN A 35 -30.67 8.07 -6.09
C ASN A 35 -31.36 8.89 -4.99
N GLY A 1 18.53 9.44 -3.47
CA GLY A 1 17.27 9.43 -2.75
C GLY A 1 17.47 9.00 -1.30
N ILE A 2 17.33 9.97 -0.40
CA ILE A 2 17.50 9.71 1.02
C ILE A 2 16.13 9.78 1.70
N GLY A 3 15.14 10.19 0.93
CA GLY A 3 13.78 10.30 1.46
C GLY A 3 12.92 9.13 0.98
N ALA A 4 13.06 8.81 -0.29
CA ALA A 4 12.31 7.71 -0.88
C ALA A 4 12.51 6.44 -0.04
N LEU A 5 13.60 6.44 0.71
CA LEU A 5 13.92 5.30 1.55
C LEU A 5 12.78 5.06 2.53
N PHE A 6 12.31 6.15 3.12
CA PHE A 6 11.21 6.08 4.09
C PHE A 6 9.92 5.62 3.40
N LEU A 7 9.71 6.12 2.19
CA LEU A 7 8.52 5.78 1.43
C LEU A 7 8.40 4.26 1.34
N GLY A 8 9.53 3.62 1.08
CA GLY A 8 9.56 2.17 0.96
C GLY A 8 9.25 1.51 2.31
N PHE A 9 9.73 2.14 3.37
CA PHE A 9 9.51 1.63 4.71
C PHE A 9 8.01 1.53 5.01
N LEU A 10 7.29 2.59 4.66
CA LEU A 10 5.86 2.64 4.90
C LEU A 10 5.16 1.73 3.89
N GLY A 11 5.60 1.82 2.65
CA GLY A 11 5.02 1.03 1.58
C GLY A 11 4.93 -0.46 1.99
N ALA A 12 5.82 -0.83 2.90
CA ALA A 12 5.85 -2.20 3.39
C ALA A 12 4.69 -2.42 4.37
N ALA A 13 4.58 -1.50 5.31
CA ALA A 13 3.53 -1.57 6.32
C ALA A 13 2.17 -1.60 5.61
N GLY A 14 2.09 -0.86 4.51
CA GLY A 14 0.86 -0.78 3.75
C GLY A 14 0.56 -2.11 3.06
N SER A 15 1.50 -2.53 2.23
CA SER A 15 1.36 -3.78 1.50
C SER A 15 0.97 -4.91 2.47
N LYS A 16 1.42 -4.77 3.70
CA LYS A 16 1.13 -5.76 4.72
C LYS A 16 -0.38 -5.78 4.99
N LYS A 17 -0.86 -4.67 5.54
CA LYS A 17 -2.28 -4.55 5.85
C LYS A 17 -2.96 -3.70 4.77
N LYS A 19 -8.20 -6.47 4.42
CA LYS A 19 -7.50 -7.69 4.05
C LYS A 19 -8.45 -8.61 3.29
N ASN A 20 -8.07 -9.88 3.22
CA ASN A 20 -8.88 -10.87 2.52
C ASN A 20 -10.01 -11.34 3.43
N GLU A 21 -11.23 -11.06 3.02
CA GLU A 21 -12.39 -11.45 3.79
C GLU A 21 -12.59 -12.97 3.72
N GLN A 22 -12.29 -13.52 2.56
CA GLN A 22 -12.43 -14.95 2.35
C GLN A 22 -11.67 -15.72 3.43
N GLU A 23 -10.47 -15.24 3.73
CA GLU A 23 -9.64 -15.87 4.74
C GLU A 23 -10.39 -15.94 6.07
N LEU A 24 -11.22 -14.94 6.30
CA LEU A 24 -12.00 -14.89 7.53
C LEU A 24 -13.10 -15.94 7.47
N LEU A 25 -13.71 -16.05 6.30
CA LEU A 25 -14.78 -17.02 6.10
C LEU A 25 -14.20 -18.44 6.17
N GLU A 26 -12.94 -18.55 5.79
CA GLU A 26 -12.27 -19.84 5.81
C GLU A 26 -12.36 -20.46 7.20
N LEU A 27 -12.13 -19.63 8.22
CA LEU A 27 -12.18 -20.09 9.59
C LEU A 27 -13.60 -20.59 9.90
N ASP A 28 -14.58 -19.91 9.31
CA ASP A 28 -15.97 -20.27 9.52
C ASP A 28 -16.18 -21.73 9.10
N LYS A 29 -15.82 -22.01 7.85
CA LYS A 29 -15.97 -23.35 7.31
C LYS A 29 -15.03 -24.30 8.06
N TRP A 30 -13.90 -23.75 8.50
CA TRP A 30 -12.92 -24.52 9.23
C TRP A 30 -13.59 -25.10 10.47
N ALA A 31 -14.65 -24.43 10.90
CA ALA A 31 -15.40 -24.86 12.07
C ALA A 31 -15.85 -26.31 11.87
N SER A 32 -16.08 -26.66 10.61
CA SER A 32 -16.52 -28.00 10.27
C SER A 32 -15.57 -29.03 10.89
N LEU A 33 -14.30 -28.65 10.98
CA LEU A 33 -13.29 -29.52 11.53
C LEU A 33 -13.75 -29.99 12.92
N TRP A 34 -14.40 -29.09 13.63
CA TRP A 34 -14.89 -29.39 14.96
C TRP A 34 -15.71 -30.68 14.89
N ASN A 35 -16.67 -30.67 13.98
CA ASN A 35 -17.53 -31.84 13.79
C ASN A 35 -18.40 -32.03 15.03
N GLY A 1 19.86 5.94 -3.05
CA GLY A 1 18.79 6.69 -2.41
C GLY A 1 18.23 5.91 -1.23
N ILE A 2 18.59 6.37 -0.03
CA ILE A 2 18.13 5.73 1.19
C ILE A 2 17.05 6.59 1.84
N GLY A 3 17.10 7.89 1.53
CA GLY A 3 16.13 8.82 2.06
C GLY A 3 14.76 8.65 1.40
N ALA A 4 14.80 8.30 0.13
CA ALA A 4 13.58 8.10 -0.63
C ALA A 4 12.98 6.73 -0.28
N LEU A 5 13.82 5.89 0.31
CA LEU A 5 13.40 4.56 0.70
C LEU A 5 12.35 4.66 1.81
N PHE A 6 12.48 5.72 2.60
CA PHE A 6 11.56 5.95 3.71
C PHE A 6 10.11 5.73 3.26
N LEU A 7 9.83 6.15 2.04
CA LEU A 7 8.50 6.00 1.48
C LEU A 7 8.10 4.52 1.49
N GLY A 8 9.06 3.69 1.11
CA GLY A 8 8.83 2.26 1.07
C GLY A 8 8.70 1.68 2.48
N PHE A 9 9.29 2.39 3.43
CA PHE A 9 9.24 1.96 4.81
C PHE A 9 7.81 1.96 5.34
N LEU A 10 7.15 3.10 5.18
CA LEU A 10 5.78 3.26 5.62
C LEU A 10 4.83 2.56 4.64
N GLY A 11 5.30 2.48 3.39
CA GLY A 11 4.51 1.84 2.34
C GLY A 11 4.59 0.32 2.45
N ALA A 12 5.67 -0.14 3.06
CA ALA A 12 5.88 -1.57 3.23
C ALA A 12 4.78 -2.15 4.12
N ALA A 13 4.44 -1.39 5.14
CA ALA A 13 3.40 -1.80 6.07
C ALA A 13 2.11 -2.08 5.30
N GLY A 14 1.99 -1.43 4.15
CA GLY A 14 0.82 -1.60 3.31
C GLY A 14 0.73 -3.02 2.76
N SER A 15 1.79 -3.41 2.06
CA SER A 15 1.85 -4.74 1.48
C SER A 15 1.64 -5.80 2.57
N LYS A 16 2.10 -5.48 3.77
CA LYS A 16 1.97 -6.39 4.89
C LYS A 16 0.50 -6.48 5.28
N LYS A 17 -0.09 -5.33 5.60
CA LYS A 17 -1.48 -5.27 6.00
C LYS A 17 -2.36 -5.19 4.74
N LYS A 19 -7.61 -7.33 6.39
CA LYS A 19 -8.26 -8.05 5.32
C LYS A 19 -9.45 -8.84 5.88
N ASN A 20 -9.68 -10.00 5.30
CA ASN A 20 -10.76 -10.87 5.74
C ASN A 20 -10.39 -12.32 5.48
N GLU A 21 -10.03 -13.00 6.56
CA GLU A 21 -9.65 -14.40 6.47
C GLU A 21 -10.82 -15.24 5.97
N GLN A 22 -12.02 -14.77 6.30
CA GLN A 22 -13.23 -15.47 5.89
C GLN A 22 -13.23 -15.69 4.37
N GLU A 23 -12.74 -14.68 3.66
CA GLU A 23 -12.67 -14.74 2.21
C GLU A 23 -11.83 -15.95 1.77
N LEU A 24 -10.82 -16.25 2.57
CA LEU A 24 -9.95 -17.36 2.27
C LEU A 24 -10.68 -18.67 2.58
N LEU A 25 -11.47 -18.64 3.63
CA LEU A 25 -12.22 -19.80 4.05
C LEU A 25 -13.27 -20.14 2.98
N GLU A 26 -13.77 -19.10 2.34
CA GLU A 26 -14.77 -19.26 1.30
C GLU A 26 -14.25 -20.23 0.23
N LEU A 27 -12.98 -20.09 -0.09
CA LEU A 27 -12.35 -20.93 -1.09
C LEU A 27 -12.29 -22.37 -0.57
N ASP A 28 -12.13 -22.48 0.74
CA ASP A 28 -12.05 -23.79 1.38
C ASP A 28 -13.31 -24.59 1.04
N LYS A 29 -14.45 -23.97 1.27
CA LYS A 29 -15.72 -24.61 1.00
C LYS A 29 -15.86 -24.85 -0.50
N TRP A 30 -15.37 -23.90 -1.27
CA TRP A 30 -15.43 -23.99 -2.71
C TRP A 30 -14.67 -25.24 -3.14
N ALA A 31 -13.74 -25.65 -2.28
CA ALA A 31 -12.93 -26.83 -2.56
C ALA A 31 -13.86 -28.03 -2.74
N SER A 32 -14.99 -27.98 -2.06
CA SER A 32 -15.96 -29.06 -2.14
C SER A 32 -16.29 -29.36 -3.61
N LEU A 33 -16.25 -28.31 -4.41
CA LEU A 33 -16.55 -28.44 -5.83
C LEU A 33 -15.67 -29.54 -6.42
N TRP A 34 -14.43 -29.58 -5.95
CA TRP A 34 -13.49 -30.57 -6.43
C TRP A 34 -14.15 -31.94 -6.34
N ASN A 35 -14.68 -32.24 -5.17
CA ASN A 35 -15.35 -33.51 -4.95
C ASN A 35 -14.34 -34.65 -5.13
N GLY A 1 16.71 11.68 -2.64
CA GLY A 1 17.74 10.66 -2.74
C GLY A 1 17.43 9.48 -1.82
N ILE A 2 17.73 9.68 -0.55
CA ILE A 2 17.50 8.64 0.45
C ILE A 2 16.13 8.86 1.08
N GLY A 3 15.47 9.91 0.64
CA GLY A 3 14.15 10.25 1.16
C GLY A 3 13.09 9.30 0.60
N ALA A 4 13.52 8.46 -0.33
CA ALA A 4 12.62 7.51 -0.95
C ALA A 4 12.56 6.24 -0.10
N LEU A 5 13.69 5.93 0.53
CA LEU A 5 13.78 4.75 1.37
C LEU A 5 12.74 4.85 2.49
N PHE A 6 12.58 6.06 3.00
CA PHE A 6 11.62 6.30 4.07
C PHE A 6 10.19 5.99 3.61
N LEU A 7 9.91 6.36 2.36
CA LEU A 7 8.60 6.13 1.79
C LEU A 7 8.39 4.62 1.62
N GLY A 8 9.46 3.95 1.26
CA GLY A 8 9.40 2.50 1.06
C GLY A 8 9.10 1.78 2.37
N PHE A 9 9.50 2.41 3.46
CA PHE A 9 9.28 1.84 4.78
C PHE A 9 7.78 1.68 5.07
N LEU A 10 7.06 2.77 4.88
CA LEU A 10 5.63 2.77 5.11
C LEU A 10 4.94 1.94 4.03
N GLY A 11 5.32 2.20 2.79
CA GLY A 11 4.75 1.50 1.66
C GLY A 11 4.76 -0.02 1.89
N ALA A 12 5.80 -0.47 2.58
CA ALA A 12 5.94 -1.88 2.88
C ALA A 12 4.88 -2.28 3.92
N ALA A 13 4.73 -1.42 4.91
CA ALA A 13 3.76 -1.68 5.97
C ALA A 13 2.35 -1.78 5.35
N GLY A 14 2.20 -1.17 4.19
CA GLY A 14 0.93 -1.19 3.50
C GLY A 14 0.54 -2.61 3.12
N SER A 15 1.43 -3.26 2.38
CA SER A 15 1.19 -4.62 1.94
C SER A 15 0.73 -5.48 3.12
N LYS A 16 1.47 -5.36 4.21
CA LYS A 16 1.15 -6.11 5.41
C LYS A 16 -0.35 -5.98 5.72
N LYS A 17 -0.75 -4.74 5.98
CA LYS A 17 -2.14 -4.47 6.28
C LYS A 17 -2.92 -4.25 4.98
N LYS A 19 -6.25 -0.26 1.14
CA LYS A 19 -6.59 1.15 0.96
C LYS A 19 -7.14 1.37 -0.45
N ASN A 20 -7.58 2.60 -0.69
CA ASN A 20 -8.14 2.95 -1.99
C ASN A 20 -8.08 4.46 -2.16
N GLU A 21 -8.72 5.17 -1.23
CA GLU A 21 -8.74 6.62 -1.27
C GLU A 21 -7.38 7.19 -0.85
N GLN A 22 -6.70 6.44 0.00
CA GLN A 22 -5.39 6.86 0.49
C GLN A 22 -4.37 6.82 -0.65
N GLU A 23 -4.51 5.82 -1.50
CA GLU A 23 -3.61 5.65 -2.63
C GLU A 23 -3.65 6.90 -3.52
N LEU A 24 -4.82 7.53 -3.55
CA LEU A 24 -4.99 8.73 -4.35
C LEU A 24 -4.27 9.90 -3.68
N LEU A 25 -4.30 9.89 -2.36
CA LEU A 25 -3.65 10.94 -1.59
C LEU A 25 -2.14 10.83 -1.76
N GLU A 26 -1.67 9.59 -1.82
CA GLU A 26 -0.25 9.33 -1.98
C GLU A 26 0.29 10.07 -3.21
N LEU A 27 -0.49 10.02 -4.28
CA LEU A 27 -0.10 10.69 -5.51
C LEU A 27 -0.15 12.20 -5.31
N ASP A 28 -1.06 12.62 -4.46
CA ASP A 28 -1.23 14.04 -4.17
C ASP A 28 0.09 14.59 -3.63
N LYS A 29 0.71 13.82 -2.75
CA LYS A 29 1.96 14.22 -2.15
C LYS A 29 3.09 14.08 -3.18
N TRP A 30 2.94 13.07 -4.04
CA TRP A 30 3.93 12.82 -5.07
C TRP A 30 4.00 14.05 -5.98
N ALA A 31 2.93 14.84 -5.92
CA ALA A 31 2.86 16.05 -6.74
C ALA A 31 4.02 16.97 -6.35
N SER A 32 4.43 16.87 -5.10
CA SER A 32 5.53 17.69 -4.60
C SER A 32 6.75 17.54 -5.50
N LEU A 33 6.89 16.34 -6.06
CA LEU A 33 8.01 16.05 -6.94
C LEU A 33 8.03 17.08 -8.08
N TRP A 34 6.85 17.43 -8.56
CA TRP A 34 6.72 18.38 -9.64
C TRP A 34 7.17 19.75 -9.11
N ASN A 35 6.64 20.11 -7.95
CA ASN A 35 6.97 21.37 -7.32
C ASN A 35 8.10 21.15 -6.31
N GLY A 1 19.49 7.15 -0.04
CA GLY A 1 18.81 8.15 0.76
C GLY A 1 17.81 7.51 1.71
N ILE A 2 17.46 8.25 2.76
CA ILE A 2 16.52 7.76 3.75
C ILE A 2 15.16 8.41 3.52
N GLY A 3 15.20 9.68 3.15
CA GLY A 3 13.98 10.43 2.90
C GLY A 3 13.10 9.72 1.86
N ALA A 4 13.74 9.25 0.81
CA ALA A 4 13.03 8.55 -0.25
C ALA A 4 12.70 7.13 0.22
N LEU A 5 13.70 6.47 0.79
CA LEU A 5 13.52 5.12 1.28
C LEU A 5 12.35 5.09 2.26
N PHE A 6 12.15 6.22 2.93
CA PHE A 6 11.07 6.33 3.89
C PHE A 6 9.76 5.83 3.32
N LEU A 7 9.55 6.13 2.04
CA LEU A 7 8.33 5.71 1.36
C LEU A 7 8.37 4.19 1.15
N GLY A 8 9.53 3.70 0.74
CA GLY A 8 9.71 2.29 0.50
C GLY A 8 9.59 1.50 1.81
N PHE A 9 9.91 2.18 2.90
CA PHE A 9 9.85 1.55 4.21
C PHE A 9 8.40 1.43 4.71
N LEU A 10 7.67 2.53 4.53
CA LEU A 10 6.28 2.56 4.95
C LEU A 10 5.46 1.65 4.04
N GLY A 11 5.89 1.57 2.79
CA GLY A 11 5.21 0.74 1.81
C GLY A 11 4.95 -0.66 2.36
N ALA A 12 5.91 -1.13 3.15
CA ALA A 12 5.80 -2.46 3.75
C ALA A 12 4.56 -2.51 4.63
N ALA A 13 4.31 -1.40 5.32
CA ALA A 13 3.17 -1.32 6.21
C ALA A 13 1.87 -1.29 5.37
N GLY A 14 2.03 -0.86 4.13
CA GLY A 14 0.89 -0.77 3.22
C GLY A 14 0.31 -2.16 2.94
N SER A 15 1.15 -3.03 2.39
CA SER A 15 0.74 -4.38 2.08
C SER A 15 0.23 -5.08 3.34
N LYS A 16 0.87 -4.76 4.45
CA LYS A 16 0.49 -5.36 5.73
C LYS A 16 -1.01 -5.15 5.95
N LYS A 17 -1.39 -3.90 6.14
CA LYS A 17 -2.78 -3.56 6.36
C LYS A 17 -3.64 -4.26 5.31
N LYS A 19 -4.96 -0.82 -1.22
CA LYS A 19 -5.04 0.58 -1.62
C LYS A 19 -5.67 0.67 -3.02
N ASN A 20 -5.23 1.66 -3.78
CA ASN A 20 -5.74 1.86 -5.12
C ASN A 20 -5.95 0.51 -5.80
N GLU A 21 -7.19 0.05 -5.76
CA GLU A 21 -7.54 -1.23 -6.36
C GLU A 21 -7.13 -1.24 -7.84
N GLN A 22 -7.13 -0.06 -8.43
CA GLN A 22 -6.76 0.07 -9.83
C GLN A 22 -5.39 -0.54 -10.09
N GLU A 23 -4.43 -0.13 -9.26
CA GLU A 23 -3.07 -0.63 -9.39
C GLU A 23 -3.06 -2.15 -9.27
N LEU A 24 -3.99 -2.67 -8.48
CA LEU A 24 -4.09 -4.10 -8.28
C LEU A 24 -4.65 -4.75 -9.54
N LEU A 25 -5.56 -4.03 -10.18
CA LEU A 25 -6.18 -4.53 -11.40
C LEU A 25 -5.17 -4.49 -12.54
N GLU A 26 -4.22 -3.57 -12.43
CA GLU A 26 -3.18 -3.43 -13.43
C GLU A 26 -2.31 -4.69 -13.48
N LEU A 27 -2.12 -5.28 -12.31
CA LEU A 27 -1.32 -6.49 -12.21
C LEU A 27 -2.00 -7.62 -12.99
N ASP A 28 -3.33 -7.56 -13.01
CA ASP A 28 -4.11 -8.56 -13.72
C ASP A 28 -3.66 -8.62 -15.17
N LYS A 29 -3.56 -7.45 -15.78
CA LYS A 29 -3.15 -7.36 -17.17
C LYS A 29 -1.66 -7.73 -17.28
N TRP A 30 -0.91 -7.36 -16.26
CA TRP A 30 0.51 -7.65 -16.23
C TRP A 30 0.68 -9.16 -16.12
N ALA A 31 -0.32 -9.80 -15.54
CA ALA A 31 -0.30 -11.25 -15.38
C ALA A 31 -0.06 -11.91 -16.74
N SER A 32 -0.52 -11.24 -17.78
CA SER A 32 -0.36 -11.74 -19.13
C SER A 32 1.11 -12.08 -19.40
N LEU A 33 1.98 -11.29 -18.78
CA LEU A 33 3.41 -11.50 -18.94
C LEU A 33 3.76 -12.95 -18.58
N TRP A 34 3.24 -13.38 -17.44
CA TRP A 34 3.50 -14.73 -16.97
C TRP A 34 3.11 -15.70 -18.09
N ASN A 35 1.82 -15.71 -18.39
CA ASN A 35 1.30 -16.59 -19.43
C ASN A 35 0.37 -15.79 -20.35
N GLY A 1 18.51 15.27 2.25
CA GLY A 1 17.23 14.99 2.86
C GLY A 1 16.33 14.22 1.90
N ILE A 2 16.57 12.92 1.81
CA ILE A 2 15.78 12.07 0.93
C ILE A 2 14.82 11.22 1.78
N GLY A 3 13.55 11.36 1.49
CA GLY A 3 12.53 10.61 2.21
C GLY A 3 12.00 9.45 1.36
N ALA A 4 12.68 9.20 0.25
CA ALA A 4 12.30 8.13 -0.64
C ALA A 4 12.58 6.79 0.02
N LEU A 5 13.56 6.80 0.93
CA LEU A 5 13.93 5.59 1.63
C LEU A 5 12.79 5.18 2.56
N PHE A 6 12.03 6.17 3.00
CA PHE A 6 10.90 5.91 3.88
C PHE A 6 9.73 5.28 3.11
N LEU A 7 9.58 5.71 1.87
CA LEU A 7 8.51 5.20 1.02
C LEU A 7 8.58 3.68 1.00
N GLY A 8 9.78 3.16 1.15
CA GLY A 8 9.99 1.72 1.14
C GLY A 8 9.53 1.10 2.46
N PHE A 9 9.68 1.88 3.52
CA PHE A 9 9.29 1.42 4.85
C PHE A 9 7.77 1.48 5.02
N LEU A 10 7.22 2.65 4.77
CA LEU A 10 5.79 2.85 4.90
C LEU A 10 5.07 1.99 3.86
N GLY A 11 5.68 1.89 2.69
CA GLY A 11 5.11 1.09 1.62
C GLY A 11 4.88 -0.35 2.05
N ALA A 12 5.94 -0.96 2.57
CA ALA A 12 5.86 -2.34 3.04
C ALA A 12 4.81 -2.44 4.13
N ALA A 13 4.82 -1.46 5.02
CA ALA A 13 3.87 -1.43 6.12
C ALA A 13 2.45 -1.43 5.56
N GLY A 14 2.26 -0.64 4.52
CA GLY A 14 0.96 -0.53 3.88
C GLY A 14 0.54 -1.87 3.28
N SER A 15 1.38 -2.38 2.39
CA SER A 15 1.11 -3.65 1.74
C SER A 15 0.70 -4.69 2.77
N LYS A 16 1.61 -4.94 3.71
CA LYS A 16 1.36 -5.91 4.75
C LYS A 16 -0.02 -5.65 5.37
N LYS A 17 -0.10 -4.57 6.14
CA LYS A 17 -1.34 -4.20 6.79
C LYS A 17 -2.26 -3.52 5.77
N LYS A 19 -10.05 -5.61 5.71
CA LYS A 19 -11.19 -4.71 5.64
C LYS A 19 -11.59 -4.32 7.06
N ASN A 20 -12.48 -3.33 7.13
CA ASN A 20 -12.96 -2.84 8.42
C ASN A 20 -14.48 -2.94 8.46
N GLU A 21 -14.97 -3.54 9.53
CA GLU A 21 -16.41 -3.71 9.71
C GLU A 21 -17.05 -2.37 10.10
N GLN A 22 -16.32 -1.63 10.92
CA GLN A 22 -16.81 -0.33 11.36
C GLN A 22 -17.08 0.58 10.17
N GLU A 23 -16.24 0.44 9.16
CA GLU A 23 -16.38 1.25 7.96
C GLU A 23 -17.65 0.85 7.19
N LEU A 24 -17.96 -0.43 7.26
CA LEU A 24 -19.14 -0.95 6.58
C LEU A 24 -20.39 -0.55 7.37
N LEU A 25 -20.25 -0.53 8.68
CA LEU A 25 -21.35 -0.16 9.55
C LEU A 25 -21.61 1.34 9.43
N GLU A 26 -20.54 2.08 9.18
CA GLU A 26 -20.64 3.52 9.05
C GLU A 26 -21.55 3.88 7.86
N LEU A 27 -21.44 3.07 6.82
CA LEU A 27 -22.25 3.29 5.62
C LEU A 27 -23.73 3.22 5.98
N ASP A 28 -24.02 2.35 6.95
CA ASP A 28 -25.40 2.18 7.40
C ASP A 28 -25.95 3.53 7.87
N LYS A 29 -25.12 4.24 8.60
CA LYS A 29 -25.51 5.55 9.13
C LYS A 29 -25.49 6.57 7.99
N TRP A 30 -24.62 6.31 7.02
CA TRP A 30 -24.48 7.21 5.89
C TRP A 30 -25.75 7.06 5.03
N ALA A 31 -26.43 5.93 5.22
CA ALA A 31 -27.64 5.66 4.47
C ALA A 31 -28.61 6.83 4.62
N SER A 32 -28.53 7.47 5.78
CA SER A 32 -29.39 8.60 6.07
C SER A 32 -29.30 9.63 4.93
N LEU A 33 -28.12 9.70 4.33
CA LEU A 33 -27.88 10.63 3.25
C LEU A 33 -28.96 10.44 2.18
N TRP A 34 -29.12 9.19 1.76
CA TRP A 34 -30.11 8.86 0.74
C TRP A 34 -31.45 9.47 1.18
N ASN A 35 -31.88 9.08 2.37
CA ASN A 35 -33.13 9.58 2.91
C ASN A 35 -32.93 9.99 4.37
N GLY A 1 15.65 13.32 -2.07
CA GLY A 1 16.45 12.25 -2.62
C GLY A 1 16.36 10.98 -1.76
N ILE A 2 15.68 11.13 -0.64
CA ILE A 2 15.52 10.02 0.28
C ILE A 2 14.03 9.83 0.59
N GLY A 3 13.20 10.29 -0.34
CA GLY A 3 11.77 10.18 -0.19
C GLY A 3 11.31 8.73 -0.34
N ALA A 4 12.08 7.98 -1.11
CA ALA A 4 11.77 6.58 -1.34
C ALA A 4 12.30 5.74 -0.19
N LEU A 5 13.15 6.37 0.61
CA LEU A 5 13.75 5.70 1.77
C LEU A 5 12.67 5.48 2.83
N PHE A 6 11.88 6.52 3.05
CA PHE A 6 10.82 6.46 4.03
C PHE A 6 9.56 5.82 3.45
N LEU A 7 9.36 6.06 2.16
CA LEU A 7 8.21 5.51 1.47
C LEU A 7 8.35 3.99 1.38
N GLY A 8 9.59 3.55 1.30
CA GLY A 8 9.88 2.13 1.21
C GLY A 8 9.67 1.43 2.56
N PHE A 9 10.06 2.14 3.61
CA PHE A 9 9.94 1.60 4.95
C PHE A 9 8.46 1.50 5.36
N LEU A 10 7.75 2.61 5.17
CA LEU A 10 6.33 2.65 5.50
C LEU A 10 5.54 1.88 4.45
N GLY A 11 6.00 1.98 3.21
CA GLY A 11 5.35 1.29 2.12
C GLY A 11 5.19 -0.21 2.40
N ALA A 12 6.17 -0.73 3.13
CA ALA A 12 6.16 -2.14 3.47
C ALA A 12 4.87 -2.47 4.22
N ALA A 13 4.49 -1.56 5.11
CA ALA A 13 3.28 -1.74 5.90
C ALA A 13 2.06 -1.58 4.98
N GLY A 14 2.21 -0.71 4.00
CA GLY A 14 1.14 -0.45 3.07
C GLY A 14 0.61 -1.75 2.47
N SER A 15 1.50 -2.51 1.86
CA SER A 15 1.14 -3.77 1.25
C SER A 15 0.41 -4.64 2.27
N LYS A 16 0.98 -4.73 3.46
CA LYS A 16 0.41 -5.52 4.52
C LYS A 16 -1.06 -5.13 4.71
N LYS A 17 -1.25 -3.88 5.11
CA LYS A 17 -2.59 -3.36 5.33
C LYS A 17 -3.00 -2.47 4.16
N LYS A 19 -7.29 -8.15 1.38
CA LYS A 19 -7.44 -9.55 1.04
C LYS A 19 -8.54 -9.70 0.00
N ASN A 20 -9.76 -9.34 0.41
CA ASN A 20 -10.90 -9.43 -0.48
C ASN A 20 -10.54 -8.82 -1.84
N GLU A 21 -10.06 -7.59 -1.79
CA GLU A 21 -9.68 -6.89 -3.01
C GLU A 21 -8.61 -7.69 -3.76
N GLN A 22 -7.84 -8.46 -3.00
CA GLN A 22 -6.79 -9.27 -3.59
C GLN A 22 -7.39 -10.35 -4.49
N GLU A 23 -8.55 -10.84 -4.08
CA GLU A 23 -9.24 -11.87 -4.84
C GLU A 23 -9.57 -11.37 -6.25
N LEU A 24 -9.79 -10.05 -6.34
CA LEU A 24 -10.12 -9.44 -7.61
C LEU A 24 -8.85 -9.32 -8.45
N LEU A 25 -7.74 -9.07 -7.76
CA LEU A 25 -6.46 -8.93 -8.42
C LEU A 25 -5.97 -10.30 -8.89
N GLU A 26 -6.39 -11.32 -8.15
CA GLU A 26 -6.00 -12.68 -8.48
C GLU A 26 -6.43 -13.03 -9.89
N LEU A 27 -7.62 -12.57 -10.25
CA LEU A 27 -8.17 -12.83 -11.57
C LEU A 27 -7.34 -12.06 -12.61
N ASP A 28 -6.84 -10.92 -12.19
CA ASP A 28 -6.03 -10.09 -13.07
C ASP A 28 -4.82 -10.89 -13.55
N LYS A 29 -4.17 -11.55 -12.61
CA LYS A 29 -3.01 -12.35 -12.92
C LYS A 29 -3.44 -13.63 -13.64
N TRP A 30 -4.66 -14.06 -13.33
CA TRP A 30 -5.21 -15.25 -13.95
C TRP A 30 -5.54 -14.93 -15.41
N ALA A 31 -5.68 -13.64 -15.67
CA ALA A 31 -6.00 -13.18 -17.01
C ALA A 31 -4.99 -13.75 -18.00
N SER A 32 -3.77 -13.94 -17.50
CA SER A 32 -2.71 -14.49 -18.32
C SER A 32 -3.16 -15.79 -19.00
N LEU A 33 -4.02 -16.51 -18.28
CA LEU A 33 -4.55 -17.76 -18.79
C LEU A 33 -5.13 -17.54 -20.19
N TRP A 34 -6.01 -16.56 -20.28
CA TRP A 34 -6.65 -16.22 -21.55
C TRP A 34 -5.55 -16.07 -22.60
N ASN A 35 -4.41 -15.55 -22.15
CA ASN A 35 -3.27 -15.35 -23.04
C ASN A 35 -2.26 -16.46 -22.82
N GLY A 1 14.98 11.01 -5.87
CA GLY A 1 15.17 11.43 -4.50
C GLY A 1 15.59 10.24 -3.63
N ILE A 2 16.65 10.46 -2.85
CA ILE A 2 17.16 9.42 -1.97
C ILE A 2 16.26 9.32 -0.74
N GLY A 3 15.30 10.22 -0.66
CA GLY A 3 14.37 10.24 0.46
C GLY A 3 13.17 9.34 0.18
N ALA A 4 13.28 8.56 -0.89
CA ALA A 4 12.21 7.65 -1.27
C ALA A 4 12.35 6.35 -0.48
N LEU A 5 13.47 6.25 0.23
CA LEU A 5 13.73 5.06 1.04
C LEU A 5 12.65 4.93 2.11
N PHE A 6 12.43 6.02 2.83
CA PHE A 6 11.44 6.05 3.88
C PHE A 6 10.07 5.60 3.36
N LEU A 7 9.77 6.03 2.14
CA LEU A 7 8.50 5.69 1.52
C LEU A 7 8.35 4.16 1.52
N GLY A 8 9.47 3.47 1.45
CA GLY A 8 9.47 2.03 1.44
C GLY A 8 9.15 1.47 2.83
N PHE A 9 9.71 2.11 3.84
CA PHE A 9 9.49 1.70 5.21
C PHE A 9 8.01 1.70 5.56
N LEU A 10 7.37 2.83 5.29
CA LEU A 10 5.96 2.98 5.56
C LEU A 10 5.15 2.19 4.53
N GLY A 11 5.59 2.29 3.29
CA GLY A 11 4.93 1.59 2.20
C GLY A 11 4.88 0.09 2.46
N ALA A 12 5.85 -0.38 3.24
CA ALA A 12 5.93 -1.78 3.57
C ALA A 12 4.66 -2.21 4.30
N ALA A 13 4.28 -1.39 5.27
CA ALA A 13 3.07 -1.67 6.05
C ALA A 13 1.87 -1.74 5.12
N GLY A 14 1.99 -1.05 3.99
CA GLY A 14 0.91 -1.03 3.01
C GLY A 14 0.73 -2.41 2.38
N SER A 15 1.82 -2.92 1.81
CA SER A 15 1.79 -4.22 1.16
C SER A 15 1.35 -5.28 2.16
N LYS A 16 1.42 -4.93 3.44
CA LYS A 16 1.04 -5.85 4.49
C LYS A 16 -0.49 -5.84 4.63
N LYS A 17 -0.99 -4.77 5.23
CA LYS A 17 -2.42 -4.63 5.44
C LYS A 17 -3.14 -4.76 4.09
N LYS A 19 -6.13 -8.23 0.26
CA LYS A 19 -6.86 -9.18 1.09
C LYS A 19 -7.30 -10.37 0.24
N ASN A 20 -8.27 -10.10 -0.63
CA ASN A 20 -8.79 -11.14 -1.51
C ASN A 20 -9.91 -10.55 -2.37
N GLU A 21 -9.79 -10.78 -3.67
CA GLU A 21 -10.78 -10.28 -4.61
C GLU A 21 -12.07 -11.11 -4.51
N GLN A 22 -11.88 -12.40 -4.28
CA GLN A 22 -13.02 -13.30 -4.17
C GLN A 22 -13.99 -12.80 -3.09
N GLU A 23 -13.41 -12.32 -2.00
CA GLU A 23 -14.21 -11.82 -0.89
C GLU A 23 -15.11 -10.66 -1.37
N LEU A 24 -14.58 -9.91 -2.33
CA LEU A 24 -15.31 -8.78 -2.87
C LEU A 24 -16.44 -9.29 -3.76
N LEU A 25 -16.12 -10.30 -4.56
CA LEU A 25 -17.11 -10.88 -5.46
C LEU A 25 -18.18 -11.60 -4.63
N GLU A 26 -17.77 -12.06 -3.47
CA GLU A 26 -18.69 -12.75 -2.57
C GLU A 26 -19.88 -11.85 -2.23
N LEU A 27 -19.60 -10.57 -2.14
CA LEU A 27 -20.64 -9.59 -1.83
C LEU A 27 -21.64 -9.53 -2.99
N ASP A 28 -21.12 -9.76 -4.19
CA ASP A 28 -21.95 -9.73 -5.37
C ASP A 28 -23.09 -10.72 -5.22
N LYS A 29 -22.73 -11.96 -4.91
CA LYS A 29 -23.72 -13.01 -4.74
C LYS A 29 -24.52 -12.73 -3.46
N TRP A 30 -23.86 -12.10 -2.51
CA TRP A 30 -24.50 -11.76 -1.24
C TRP A 30 -25.73 -10.89 -1.55
N ALA A 31 -25.71 -10.30 -2.72
CA ALA A 31 -26.80 -9.44 -3.14
C ALA A 31 -28.12 -10.21 -3.02
N SER A 32 -28.02 -11.52 -3.22
CA SER A 32 -29.20 -12.38 -3.13
C SER A 32 -29.92 -12.14 -1.81
N LEU A 33 -29.14 -11.82 -0.79
CA LEU A 33 -29.70 -11.56 0.53
C LEU A 33 -30.82 -10.52 0.42
N TRP A 34 -30.49 -9.41 -0.21
CA TRP A 34 -31.45 -8.34 -0.39
C TRP A 34 -32.74 -8.95 -0.95
N ASN A 35 -32.62 -9.54 -2.13
CA ASN A 35 -33.76 -10.16 -2.78
C ASN A 35 -34.43 -11.12 -1.79
N GLY A 1 20.84 8.34 0.18
CA GLY A 1 19.64 8.61 -0.59
C GLY A 1 18.81 9.72 0.05
N ILE A 2 17.67 10.00 -0.56
CA ILE A 2 16.78 11.03 -0.07
C ILE A 2 15.78 10.41 0.91
N GLY A 3 14.62 11.03 0.98
CA GLY A 3 13.57 10.55 1.87
C GLY A 3 12.70 9.50 1.17
N ALA A 4 13.23 8.97 0.08
CA ALA A 4 12.53 7.95 -0.68
C ALA A 4 12.51 6.64 0.10
N LEU A 5 13.60 6.40 0.82
CA LEU A 5 13.74 5.20 1.62
C LEU A 5 12.49 5.05 2.51
N PHE A 6 12.08 6.16 3.10
CA PHE A 6 10.92 6.16 3.97
C PHE A 6 9.68 5.69 3.22
N LEU A 7 9.53 6.19 2.00
CA LEU A 7 8.39 5.82 1.17
C LEU A 7 8.39 4.31 0.95
N GLY A 8 9.59 3.74 0.97
CA GLY A 8 9.73 2.30 0.77
C GLY A 8 9.56 1.55 2.09
N PHE A 9 9.76 2.28 3.18
CA PHE A 9 9.64 1.69 4.50
C PHE A 9 8.16 1.53 4.89
N LEU A 10 7.42 2.62 4.76
CA LEU A 10 6.01 2.62 5.08
C LEU A 10 5.26 1.73 4.10
N GLY A 11 5.88 1.56 2.93
CA GLY A 11 5.28 0.74 1.89
C GLY A 11 5.00 -0.68 2.40
N ALA A 12 6.03 -1.27 3.01
CA ALA A 12 5.90 -2.61 3.54
C ALA A 12 4.70 -2.68 4.47
N ALA A 13 4.56 -1.67 5.30
CA ALA A 13 3.45 -1.60 6.24
C ALA A 13 2.14 -1.44 5.46
N GLY A 14 2.25 -0.76 4.32
CA GLY A 14 1.08 -0.54 3.48
C GLY A 14 0.53 -1.86 2.94
N SER A 15 1.37 -2.56 2.20
CA SER A 15 0.98 -3.83 1.62
C SER A 15 0.33 -4.72 2.69
N LYS A 16 1.04 -4.86 3.80
CA LYS A 16 0.54 -5.67 4.90
C LYS A 16 -0.92 -5.32 5.17
N LYS A 17 -1.13 -4.11 5.64
CA LYS A 17 -2.49 -3.65 5.93
C LYS A 17 -3.38 -3.90 4.72
N LYS A 19 -6.58 -4.48 -1.52
CA LYS A 19 -7.70 -5.03 -2.27
C LYS A 19 -8.32 -3.93 -3.13
N ASN A 20 -9.38 -3.32 -2.61
CA ASN A 20 -10.06 -2.25 -3.33
C ASN A 20 -10.47 -1.17 -2.33
N GLU A 21 -9.91 0.02 -2.53
CA GLU A 21 -10.22 1.14 -1.66
C GLU A 21 -11.66 1.62 -1.89
N GLN A 22 -12.08 1.51 -3.14
CA GLN A 22 -13.43 1.92 -3.50
C GLN A 22 -14.46 1.15 -2.69
N GLU A 23 -14.21 -0.14 -2.53
CA GLU A 23 -15.10 -0.99 -1.78
C GLU A 23 -15.34 -0.42 -0.37
N LEU A 24 -14.30 0.24 0.13
CA LEU A 24 -14.37 0.84 1.45
C LEU A 24 -15.23 2.11 1.39
N LEU A 25 -15.09 2.82 0.29
CA LEU A 25 -15.83 4.05 0.09
C LEU A 25 -17.32 3.72 -0.09
N GLU A 26 -17.56 2.51 -0.59
CA GLU A 26 -18.93 2.05 -0.81
C GLU A 26 -19.72 2.09 0.49
N LEU A 27 -19.10 1.57 1.54
CA LEU A 27 -19.73 1.54 2.85
C LEU A 27 -20.16 2.95 3.24
N ASP A 28 -19.34 3.92 2.84
CA ASP A 28 -19.62 5.30 3.14
C ASP A 28 -21.01 5.68 2.60
N LYS A 29 -21.33 5.11 1.44
CA LYS A 29 -22.61 5.37 0.81
C LYS A 29 -23.70 4.60 1.56
N TRP A 30 -23.31 3.43 2.06
CA TRP A 30 -24.25 2.59 2.78
C TRP A 30 -24.46 3.21 4.17
N ALA A 31 -23.51 4.05 4.56
CA ALA A 31 -23.59 4.71 5.85
C ALA A 31 -24.94 5.42 5.98
N SER A 32 -25.42 5.90 4.84
CA SER A 32 -26.69 6.61 4.82
C SER A 32 -27.78 5.75 5.48
N LEU A 33 -27.63 4.45 5.35
CA LEU A 33 -28.57 3.51 5.94
C LEU A 33 -28.75 3.84 7.42
N TRP A 34 -27.62 3.97 8.10
CA TRP A 34 -27.64 4.28 9.52
C TRP A 34 -28.58 5.47 9.74
N ASN A 35 -28.29 6.54 9.01
CA ASN A 35 -29.09 7.74 9.11
C ASN A 35 -28.92 8.36 10.50
N GLY A 1 16.39 15.54 -2.28
CA GLY A 1 16.71 14.73 -1.12
C GLY A 1 16.29 13.27 -1.33
N ILE A 2 16.56 12.45 -0.34
CA ILE A 2 16.22 11.04 -0.41
C ILE A 2 15.09 10.74 0.57
N GLY A 3 13.87 11.03 0.12
CA GLY A 3 12.69 10.80 0.95
C GLY A 3 11.94 9.55 0.49
N ALA A 4 12.48 8.91 -0.53
CA ALA A 4 11.87 7.72 -1.08
C ALA A 4 12.15 6.53 -0.14
N LEU A 5 13.34 6.53 0.42
CA LEU A 5 13.74 5.48 1.35
C LEU A 5 12.64 5.26 2.38
N PHE A 6 12.24 6.36 3.01
CA PHE A 6 11.19 6.31 4.01
C PHE A 6 9.90 5.73 3.44
N LEU A 7 9.69 6.00 2.16
CA LEU A 7 8.50 5.52 1.48
C LEU A 7 8.53 3.99 1.43
N GLY A 8 9.73 3.45 1.28
CA GLY A 8 9.90 2.01 1.22
C GLY A 8 9.49 1.36 2.54
N PHE A 9 10.04 1.88 3.63
CA PHE A 9 9.74 1.36 4.95
C PHE A 9 8.24 1.39 5.22
N LEU A 10 7.64 2.55 4.98
CA LEU A 10 6.22 2.73 5.19
C LEU A 10 5.45 1.89 4.17
N GLY A 11 6.06 1.73 3.00
CA GLY A 11 5.44 0.96 1.94
C GLY A 11 5.07 -0.44 2.42
N ALA A 12 6.00 -1.06 3.12
CA ALA A 12 5.79 -2.40 3.65
C ALA A 12 4.49 -2.41 4.46
N ALA A 13 4.30 -1.36 5.26
CA ALA A 13 3.11 -1.25 6.09
C ALA A 13 1.88 -1.16 5.18
N GLY A 14 2.12 -0.71 3.95
CA GLY A 14 1.03 -0.58 2.99
C GLY A 14 0.54 -1.95 2.52
N SER A 15 1.45 -2.71 1.95
CA SER A 15 1.13 -4.04 1.46
C SER A 15 0.57 -4.89 2.59
N LYS A 16 1.21 -4.77 3.75
CA LYS A 16 0.79 -5.53 4.92
C LYS A 16 -0.73 -5.45 5.06
N LYS A 17 -1.19 -4.26 5.42
CA LYS A 17 -2.62 -4.04 5.59
C LYS A 17 -3.31 -4.10 4.22
N LYS A 19 -3.15 1.77 -1.59
CA LYS A 19 -2.67 2.85 -2.43
C LYS A 19 -3.85 3.73 -2.83
N ASN A 20 -4.75 3.16 -3.61
CA ASN A 20 -5.93 3.87 -4.06
C ASN A 20 -7.19 3.14 -3.60
N GLU A 21 -8.32 3.54 -4.16
CA GLU A 21 -9.59 2.93 -3.82
C GLU A 21 -9.61 1.47 -4.28
N GLN A 22 -8.82 1.20 -5.31
CA GLN A 22 -8.75 -0.16 -5.85
C GLN A 22 -8.23 -1.13 -4.79
N GLU A 23 -7.07 -0.79 -4.24
CA GLU A 23 -6.46 -1.61 -3.21
C GLU A 23 -7.42 -1.81 -2.05
N LEU A 24 -8.24 -0.80 -1.82
CA LEU A 24 -9.22 -0.85 -0.74
C LEU A 24 -10.34 -1.82 -1.12
N LEU A 25 -10.70 -1.80 -2.39
CA LEU A 25 -11.76 -2.66 -2.90
C LEU A 25 -11.28 -4.11 -2.85
N GLU A 26 -9.97 -4.28 -3.06
CA GLU A 26 -9.39 -5.61 -3.05
C GLU A 26 -9.56 -6.26 -1.68
N LEU A 27 -9.55 -5.41 -0.66
CA LEU A 27 -9.70 -5.88 0.71
C LEU A 27 -11.15 -6.32 0.93
N ASP A 28 -12.05 -5.65 0.24
CA ASP A 28 -13.47 -5.96 0.36
C ASP A 28 -13.69 -7.42 -0.04
N LYS A 29 -12.96 -7.85 -1.06
CA LYS A 29 -13.07 -9.21 -1.55
C LYS A 29 -12.37 -10.15 -0.57
N TRP A 30 -11.36 -9.62 0.10
CA TRP A 30 -10.60 -10.40 1.05
C TRP A 30 -11.46 -10.58 2.30
N ALA A 31 -12.45 -9.72 2.43
CA ALA A 31 -13.36 -9.78 3.57
C ALA A 31 -13.95 -11.19 3.67
N SER A 32 -14.13 -11.80 2.52
CA SER A 32 -14.68 -13.14 2.46
C SER A 32 -13.88 -14.08 3.38
N LEU A 33 -12.59 -13.78 3.49
CA LEU A 33 -11.72 -14.58 4.33
C LEU A 33 -12.32 -14.70 5.73
N TRP A 34 -12.69 -13.55 6.28
CA TRP A 34 -13.28 -13.51 7.61
C TRP A 34 -14.44 -14.52 7.64
N ASN A 35 -15.34 -14.38 6.70
CA ASN A 35 -16.48 -15.27 6.61
C ASN A 35 -16.78 -15.58 5.14
N GLY A 1 16.34 12.68 -3.97
CA GLY A 1 15.55 11.52 -4.35
C GLY A 1 15.80 10.35 -3.40
N ILE A 2 16.18 10.69 -2.18
CA ILE A 2 16.46 9.68 -1.17
C ILE A 2 15.26 9.57 -0.22
N GLY A 3 14.15 10.15 -0.65
CA GLY A 3 12.95 10.13 0.15
C GLY A 3 12.16 8.83 -0.07
N ALA A 4 12.76 7.95 -0.87
CA ALA A 4 12.13 6.67 -1.17
C ALA A 4 12.51 5.66 -0.09
N LEU A 5 13.46 6.05 0.75
CA LEU A 5 13.91 5.19 1.82
C LEU A 5 12.83 5.12 2.89
N PHE A 6 12.31 6.28 3.26
CA PHE A 6 11.27 6.37 4.26
C PHE A 6 9.91 6.02 3.68
N LEU A 7 9.65 6.56 2.49
CA LEU A 7 8.38 6.31 1.81
C LEU A 7 8.23 4.82 1.57
N GLY A 8 9.34 4.19 1.20
CA GLY A 8 9.34 2.76 0.93
C GLY A 8 9.13 1.97 2.21
N PHE A 9 9.86 2.36 3.25
CA PHE A 9 9.75 1.68 4.53
C PHE A 9 8.29 1.51 4.95
N LEU A 10 7.53 2.58 4.76
CA LEU A 10 6.12 2.56 5.11
C LEU A 10 5.35 1.78 4.04
N GLY A 11 5.81 1.91 2.81
CA GLY A 11 5.18 1.23 1.69
C GLY A 11 5.02 -0.27 1.98
N ALA A 12 5.92 -0.77 2.82
CA ALA A 12 5.89 -2.18 3.18
C ALA A 12 4.73 -2.43 4.14
N ALA A 13 4.57 -1.51 5.08
CA ALA A 13 3.51 -1.62 6.07
C ALA A 13 2.16 -1.60 5.36
N GLY A 14 2.15 -0.98 4.19
CA GLY A 14 0.93 -0.88 3.40
C GLY A 14 0.48 -2.25 2.91
N SER A 15 1.37 -2.91 2.18
CA SER A 15 1.08 -4.23 1.65
C SER A 15 0.84 -5.21 2.79
N LYS A 16 1.84 -5.35 3.64
CA LYS A 16 1.75 -6.25 4.77
C LYS A 16 0.43 -6.00 5.52
N LYS A 17 0.35 -4.82 6.13
CA LYS A 17 -0.83 -4.44 6.86
C LYS A 17 -1.94 -4.04 5.89
N LYS A 19 -8.84 -3.40 5.76
CA LYS A 19 -8.32 -2.13 6.25
C LYS A 19 -9.04 -1.74 7.54
N ASN A 20 -8.49 -0.74 8.21
CA ASN A 20 -9.06 -0.27 9.45
C ASN A 20 -8.99 1.26 9.49
N GLU A 21 -9.37 1.81 10.64
CA GLU A 21 -9.35 3.25 10.82
C GLU A 21 -7.91 3.76 10.89
N GLN A 22 -7.02 2.89 11.31
CA GLN A 22 -5.61 3.23 11.43
C GLN A 22 -5.08 3.71 10.08
N GLU A 23 -5.50 3.02 9.03
CA GLU A 23 -5.07 3.35 7.69
C GLU A 23 -5.51 4.77 7.33
N LEU A 24 -6.66 5.15 7.85
CA LEU A 24 -7.19 6.48 7.60
C LEU A 24 -6.41 7.51 8.40
N LEU A 25 -5.98 7.08 9.59
CA LEU A 25 -5.21 7.96 10.46
C LEU A 25 -3.81 8.15 9.89
N GLU A 26 -3.36 7.14 9.16
CA GLU A 26 -2.05 7.18 8.55
C GLU A 26 -1.97 8.34 7.54
N LEU A 27 -3.10 8.59 6.90
CA LEU A 27 -3.17 9.66 5.92
C LEU A 27 -3.00 11.01 6.61
N ASP A 28 -3.48 11.07 7.85
CA ASP A 28 -3.39 12.30 8.63
C ASP A 28 -1.91 12.67 8.80
N LYS A 29 -1.12 11.65 9.10
CA LYS A 29 0.31 11.86 9.29
C LYS A 29 0.98 12.07 7.93
N TRP A 30 0.39 11.46 6.91
CA TRP A 30 0.92 11.58 5.57
C TRP A 30 0.70 13.02 5.09
N ALA A 31 -0.22 13.69 5.75
CA ALA A 31 -0.53 15.07 5.42
C ALA A 31 0.77 15.89 5.43
N SER A 32 1.66 15.50 6.33
CA SER A 32 2.93 16.20 6.46
C SER A 32 3.61 16.29 5.09
N LEU A 33 3.38 15.27 4.28
CA LEU A 33 3.97 15.23 2.95
C LEU A 33 3.66 16.53 2.21
N TRP A 34 2.39 16.89 2.23
CA TRP A 34 1.95 18.12 1.57
C TRP A 34 2.85 19.26 2.03
N ASN A 35 3.17 19.23 3.32
CA ASN A 35 4.03 20.26 3.90
C ASN A 35 3.51 21.64 3.49
N GLY A 1 16.20 12.77 -3.46
CA GLY A 1 15.56 11.57 -3.95
C GLY A 1 16.25 10.32 -3.40
N ILE A 2 17.03 10.52 -2.35
CA ILE A 2 17.75 9.42 -1.73
C ILE A 2 17.03 9.01 -0.45
N GLY A 3 15.91 9.69 -0.18
CA GLY A 3 15.13 9.41 1.00
C GLY A 3 13.86 8.62 0.64
N ALA A 4 13.88 8.05 -0.56
CA ALA A 4 12.75 7.27 -1.03
C ALA A 4 12.67 5.95 -0.25
N LEU A 5 13.69 5.72 0.55
CA LEU A 5 13.75 4.51 1.36
C LEU A 5 12.70 4.60 2.48
N PHE A 6 12.42 5.83 2.88
CA PHE A 6 11.45 6.06 3.94
C PHE A 6 10.02 5.86 3.42
N LEU A 7 9.78 6.36 2.21
CA LEU A 7 8.47 6.24 1.61
C LEU A 7 8.09 4.75 1.52
N GLY A 8 9.05 3.95 1.08
CA GLY A 8 8.82 2.53 0.95
C GLY A 8 8.62 1.87 2.32
N PHE A 9 9.38 2.37 3.28
CA PHE A 9 9.31 1.85 4.64
C PHE A 9 7.86 1.87 5.15
N LEU A 10 7.22 3.02 4.96
CA LEU A 10 5.84 3.20 5.40
C LEU A 10 4.92 2.44 4.44
N GLY A 11 5.38 2.29 3.21
CA GLY A 11 4.60 1.60 2.19
C GLY A 11 4.69 0.09 2.38
N ALA A 12 5.74 -0.33 3.08
CA ALA A 12 5.96 -1.75 3.33
C ALA A 12 4.86 -2.27 4.26
N ALA A 13 4.56 -1.47 5.28
CA ALA A 13 3.54 -1.85 6.24
C ALA A 13 2.21 -2.06 5.51
N GLY A 14 2.07 -1.36 4.40
CA GLY A 14 0.85 -1.46 3.60
C GLY A 14 0.84 -2.75 2.77
N SER A 15 1.87 -2.91 1.96
CA SER A 15 1.99 -4.09 1.12
C SER A 15 1.86 -5.36 1.98
N LYS A 16 2.33 -5.25 3.21
CA LYS A 16 2.27 -6.37 4.14
C LYS A 16 0.80 -6.70 4.44
N LYS A 17 0.11 -5.71 4.98
CA LYS A 17 -1.29 -5.88 5.33
C LYS A 17 -2.02 -6.54 4.16
N LYS A 19 -0.56 -10.46 -2.18
CA LYS A 19 -0.24 -11.34 -1.07
C LYS A 19 0.80 -12.37 -1.52
N ASN A 20 1.06 -13.33 -0.65
CA ASN A 20 2.02 -14.38 -0.95
C ASN A 20 1.51 -15.71 -0.41
N GLU A 21 1.78 -16.77 -1.16
CA GLU A 21 1.36 -18.09 -0.76
C GLU A 21 1.89 -18.44 0.64
N GLN A 22 3.09 -17.94 0.90
CA GLN A 22 3.73 -18.19 2.19
C GLN A 22 2.80 -17.77 3.33
N GLU A 23 2.17 -16.62 3.14
CA GLU A 23 1.26 -16.09 4.14
C GLU A 23 0.15 -17.10 4.42
N LEU A 24 -0.22 -17.84 3.39
CA LEU A 24 -1.26 -18.85 3.52
C LEU A 24 -0.71 -20.06 4.26
N LEU A 25 0.54 -20.37 3.99
CA LEU A 25 1.19 -21.50 4.63
C LEU A 25 1.42 -21.19 6.11
N GLU A 26 1.57 -19.90 6.39
CA GLU A 26 1.79 -19.45 7.75
C GLU A 26 0.62 -19.88 8.65
N LEU A 27 -0.57 -19.84 8.08
CA LEU A 27 -1.76 -20.21 8.80
C LEU A 27 -1.74 -21.72 9.06
N ASP A 28 -1.13 -22.44 8.14
CA ASP A 28 -1.03 -23.88 8.25
C ASP A 28 -0.34 -24.24 9.56
N LYS A 29 0.78 -23.55 9.81
CA LYS A 29 1.55 -23.79 11.03
C LYS A 29 0.81 -23.17 12.22
N TRP A 30 0.16 -22.04 11.95
CA TRP A 30 -0.58 -21.35 12.99
C TRP A 30 -1.73 -22.25 13.44
N ALA A 31 -2.07 -23.19 12.58
CA ALA A 31 -3.14 -24.13 12.87
C ALA A 31 -2.88 -24.79 14.23
N SER A 32 -1.60 -24.98 14.52
CA SER A 32 -1.21 -25.59 15.77
C SER A 32 -1.86 -24.88 16.95
N LEU A 33 -2.06 -23.57 16.76
CA LEU A 33 -2.68 -22.76 17.79
C LEU A 33 -4.00 -23.41 18.22
N TRP A 34 -4.82 -23.72 17.24
CA TRP A 34 -6.11 -24.33 17.50
C TRP A 34 -5.88 -25.53 18.42
N ASN A 35 -5.18 -26.52 17.90
CA ASN A 35 -4.89 -27.72 18.66
C ASN A 35 -3.67 -28.43 18.05
#